data_9IV2
#
_entry.id   9IV2
#
_cell.length_a   1.00
_cell.length_b   1.00
_cell.length_c   1.00
_cell.angle_alpha   90.00
_cell.angle_beta   90.00
_cell.angle_gamma   90.00
#
_symmetry.space_group_name_H-M   'P 1'
#
loop_
_entity.id
_entity.type
_entity.pdbx_description
1 polymer 'Guanine nucleotide-binding protein G(I)/G(S)/G(T) subunit beta-1'
2 polymer 'Guanine nucleotide-binding protein G(I)/G(S)/G(O) subunit gamma-2'
3 polymer 'Gs protein alpha subunit'
4 polymer 'Adhesion G-protein coupled receptor D1'
5 non-polymer 5-ALPHA-DIHYDROTESTOSTERONE
#
loop_
_entity_poly.entity_id
_entity_poly.type
_entity_poly.pdbx_seq_one_letter_code
_entity_poly.pdbx_strand_id
1 'polypeptide(L)'
;GSLLQSELDQLRQEAEQLKNQIRDARKACADATLSQITNNIDPVGRIQMRTRRTLRGHLAKIYAMHWGTDSRLLVSASQD
GKLIIWDSYTTNKVHAIPLRSSWVMTCAYAPSGNYVACGGLDNICSIYNLKTREGNVRVSRELAGHTGYLSCCRFLDDNQ
IVTSSGDTTCALWDIETGQQTTTFTGHTGDVMSLSLAPDTRLFVSGACDASAKLWDVREGMCRQTFTGHESDINAICFFP
NGNAFATGSDDATCRLFDLRADQELMTYSHDNIICGITSVSFSKSGRLLLAGYDDFNCNVWDALKADRAGVLAGHDNRVS
CLGVTDDGMAVATGSWDSFLKIWN
;
B
2 'polypeptide(L)' MASNNTASIAQARKLVEQLKMEANIDRIKVSKAAADLMAYCEAHAKEDPLLTPVPASENPFREKKFFCAIL G
3 'polypeptide(L)'
;MGCTLSAEDKAAVERSKMIEKQLQKDKQVYRATHRLLLLGADNSGKSTIVKQMRIYHVNGYSEEECKQYKAVVYSNTIQS
IIAIIRAMGRLKIDFGDSARADDARQLFVLAGAAEEGFMTAELAGVIKRLWKDSGVQACFNRSREYQLNDSAAYYLNDLD
RIAQPNYIPTQQDVLRTRVKTSGIFETKFQVDKVNFHMFDVGAQRDERRKWIQCFNDVTAIIFVVDSSDYNRLQEALNDF
KSIWNNRWLRTISVILFLNKQDLLAEKVLAGKSKIEDYFPEFARYTTPEDATPEPGEDPRVTRAKYFIRDEFLRISTASG
DGRHYCYPHFTCSVDTENARRIFNDCRDIIQRMHLRQYELL
;
A
4 'polypeptide(L)'
;HPIITNLTEERKTFQSPGVILSYLQNVSLSLPSKSLSEQTALNLTKTFLKAVGEILLLPGWIALSEDSAVVLSLIDTIDT
VMGHVSSNLHGSTPQVTVEGSSAMAEFSVAKILPKTVNSSHYRFPAHGQSFIQIPHEAFHRHAWSTVVGLLYHSMHYYLN
NIWPAHTKIAEAMHHQDCLLFATSHLISLEVSPPPTLSQNLSGSPLITVHLKHRLTRKQHSEATNSSNRVFVYCAFLDFS
SGEGVWSNHGCALTRGNLTYSVCRCTHLTNFAILMQVVPLELARGHQVALSSISYVGCSLSVLCLVATLVTFAVLSSVST
IRNQRYHIHANLSFAVLVAQVLLLISFRLEPGTTPCQVMAVLLHYFFLSAFAWMLVEGLHLYSMVIKVFGSEDSKHRYYY
GMGWGFPLLICIISLSFAMDSYGTSNNCWLSLASGAIWAFVAPALFVIVVNIGILIAVTRVISQISADNYKIHGDPSAFK
LTAKAVAVLLPILGTSWVFGVLAVNGCAVVFQYMFATLNSLQGLFIFLFHCLLNSEVRAAFKHKTKVWSLTSSSARTSNA
KPFHSDLMNGTRPGMASTKLSPWDKSSHSAHRVDLSAV
;
R
#
loop_
_chem_comp.id
_chem_comp.type
_chem_comp.name
_chem_comp.formula
DHT non-polymer 5-ALPHA-DIHYDROTESTOSTERONE 'C19 H30 O2'
#
# COMPACT_ATOMS: atom_id res chain seq x y z
N GLU A 7 -33.77 38.75 -7.30
CA GLU A 7 -32.31 38.75 -7.32
C GLU A 7 -31.74 37.63 -6.47
N LEU A 8 -30.46 37.32 -6.65
CA LEU A 8 -29.84 36.22 -5.92
C LEU A 8 -29.84 36.47 -4.43
N ASP A 9 -29.57 37.71 -4.01
CA ASP A 9 -29.60 38.03 -2.58
C ASP A 9 -30.98 37.83 -2.00
N GLN A 10 -32.02 38.25 -2.73
CA GLN A 10 -33.39 38.06 -2.24
C GLN A 10 -33.73 36.57 -2.14
N LEU A 11 -33.30 35.78 -3.12
CA LEU A 11 -33.54 34.34 -3.07
C LEU A 11 -32.82 33.70 -1.88
N ARG A 12 -31.58 34.11 -1.64
CA ARG A 12 -30.84 33.56 -0.50
C ARG A 12 -31.49 33.94 0.82
N GLN A 13 -31.97 35.18 0.93
CA GLN A 13 -32.66 35.60 2.14
C GLN A 13 -33.97 34.84 2.33
N GLU A 14 -34.70 34.60 1.23
CA GLU A 14 -35.98 33.92 1.32
C GLU A 14 -35.81 32.43 1.62
N ALA A 15 -34.71 31.83 1.19
CA ALA A 15 -34.48 30.41 1.47
C ALA A 15 -33.74 30.20 2.78
N GLU A 16 -34.22 30.86 3.84
CA GLU A 16 -33.71 30.68 5.19
C GLU A 16 -34.79 30.24 6.17
N GLN A 17 -35.94 30.91 6.16
CA GLN A 17 -36.99 30.59 7.13
C GLN A 17 -37.59 29.22 6.87
N LEU A 18 -37.59 28.76 5.62
CA LEU A 18 -38.13 27.43 5.35
C LEU A 18 -37.22 26.34 5.89
N LYS A 19 -35.90 26.51 5.76
CA LYS A 19 -34.97 25.60 6.45
C LYS A 19 -35.11 25.71 7.95
N ASN A 20 -35.35 26.93 8.46
CA ASN A 20 -35.53 27.11 9.90
C ASN A 20 -36.73 26.33 10.41
N GLN A 21 -37.86 26.38 9.69
CA GLN A 21 -39.04 25.65 10.12
C GLN A 21 -38.91 24.15 9.88
N ILE A 22 -38.14 23.74 8.86
CA ILE A 22 -37.83 22.31 8.73
C ILE A 22 -37.04 21.82 9.94
N ARG A 23 -36.05 22.60 10.37
CA ARG A 23 -35.30 22.23 11.56
C ARG A 23 -36.18 22.23 12.80
N ASP A 24 -37.10 23.19 12.90
CA ASP A 24 -38.03 23.22 14.02
C ASP A 24 -38.91 21.96 14.03
N ALA A 25 -39.40 21.55 12.87
CA ALA A 25 -40.19 20.32 12.79
C ALA A 25 -39.35 19.11 13.15
N ARG A 26 -38.07 19.11 12.75
CA ARG A 26 -37.17 18.03 13.14
C ARG A 26 -37.03 17.96 14.65
N LYS A 27 -36.89 19.12 15.31
CA LYS A 27 -36.82 19.15 16.76
C LYS A 27 -38.16 18.74 17.38
N ALA A 28 -39.27 19.20 16.79
CA ALA A 28 -40.59 18.84 17.31
C ALA A 28 -40.86 17.36 17.20
N CYS A 29 -40.49 16.75 16.06
CA CYS A 29 -40.72 15.32 15.88
C CYS A 29 -39.81 14.49 16.77
N ALA A 30 -38.60 14.97 17.04
CA ALA A 30 -37.63 14.24 17.86
C ALA A 30 -38.09 14.29 19.31
N ASP A 31 -38.72 13.22 19.77
CA ASP A 31 -39.18 13.11 21.15
C ASP A 31 -38.25 12.24 22.01
N ALA A 32 -37.72 11.16 21.43
CA ALA A 32 -36.81 10.27 22.14
C ALA A 32 -35.71 9.83 21.18
N THR A 33 -34.83 8.97 21.67
CA THR A 33 -33.71 8.47 20.89
C THR A 33 -33.52 6.99 21.21
N LEU A 34 -32.77 6.30 20.34
CA LEU A 34 -32.55 4.87 20.53
C LEU A 34 -31.83 4.59 21.84
N SER A 35 -30.92 5.47 22.25
CA SER A 35 -30.20 5.29 23.50
C SER A 35 -31.06 5.60 24.73
N GLN A 36 -32.33 5.92 24.55
CA GLN A 36 -33.22 6.23 25.67
C GLN A 36 -34.45 5.34 25.74
N ILE A 37 -34.72 4.54 24.71
CA ILE A 37 -35.88 3.66 24.71
C ILE A 37 -35.42 2.20 24.59
N THR A 38 -34.24 1.99 24.01
CA THR A 38 -33.66 0.66 23.88
C THR A 38 -32.56 0.50 24.93
N ASN A 39 -32.96 0.13 26.14
CA ASN A 39 -32.02 -0.16 27.21
C ASN A 39 -32.34 -1.44 27.98
N ASN A 40 -33.55 -1.98 27.88
CA ASN A 40 -33.91 -3.21 28.57
C ASN A 40 -33.49 -4.46 27.80
N ILE A 41 -33.06 -4.32 26.55
CA ILE A 41 -32.70 -5.48 25.76
C ILE A 41 -31.37 -6.06 26.24
N ASP A 42 -31.16 -7.33 25.93
CA ASP A 42 -29.92 -8.00 26.29
C ASP A 42 -28.82 -7.65 25.29
N PRO A 43 -27.67 -7.15 25.75
CA PRO A 43 -26.58 -6.85 24.83
C PRO A 43 -26.08 -8.12 24.14
N VAL A 44 -25.56 -7.94 22.93
CA VAL A 44 -25.11 -9.08 22.14
C VAL A 44 -23.96 -9.81 22.81
N GLY A 45 -23.17 -9.11 23.62
CA GLY A 45 -22.05 -9.73 24.31
C GLY A 45 -20.84 -9.89 23.42
N ARG A 46 -19.81 -10.51 23.99
CA ARG A 46 -18.57 -10.72 23.26
C ARG A 46 -18.79 -11.66 22.08
N ILE A 47 -18.13 -11.37 20.97
CA ILE A 47 -18.23 -12.16 19.75
C ILE A 47 -16.82 -12.54 19.32
N GLN A 48 -16.53 -13.84 19.29
CA GLN A 48 -15.23 -14.33 18.84
C GLN A 48 -15.33 -14.86 17.41
N MET A 49 -15.35 -13.92 16.47
CA MET A 49 -15.42 -14.26 15.06
C MET A 49 -14.01 -14.44 14.53
N ARG A 50 -13.63 -15.68 14.23
CA ARG A 50 -12.31 -16.01 13.71
C ARG A 50 -12.44 -16.51 12.28
N THR A 51 -11.68 -15.89 11.38
CA THR A 51 -11.75 -16.26 9.97
C THR A 51 -11.17 -17.65 9.73
N ARG A 52 -11.79 -18.37 8.79
CA ARG A 52 -11.31 -19.68 8.36
C ARG A 52 -10.64 -19.63 7.00
N ARG A 53 -11.26 -18.98 6.02
CA ARG A 53 -10.72 -18.87 4.67
C ARG A 53 -10.12 -17.49 4.46
N THR A 54 -8.92 -17.46 3.88
CA THR A 54 -8.27 -16.21 3.51
C THR A 54 -8.06 -16.23 2.00
N LEU A 55 -8.67 -15.27 1.31
CA LEU A 55 -8.61 -15.22 -0.15
C LEU A 55 -7.43 -14.37 -0.57
N ARG A 56 -6.43 -15.00 -1.17
CA ARG A 56 -5.23 -14.35 -1.65
C ARG A 56 -5.14 -14.51 -3.17
N GLY A 57 -4.19 -13.80 -3.78
CA GLY A 57 -3.97 -13.84 -5.21
C GLY A 57 -4.23 -12.53 -5.92
N HIS A 58 -4.83 -11.55 -5.24
CA HIS A 58 -5.02 -10.26 -5.87
C HIS A 58 -3.67 -9.60 -6.17
N LEU A 59 -3.60 -8.94 -7.33
CA LEU A 59 -2.33 -8.41 -7.79
C LEU A 59 -1.87 -7.23 -6.94
N ALA A 60 -2.77 -6.30 -6.68
CA ALA A 60 -2.42 -5.08 -5.94
C ALA A 60 -3.60 -4.73 -5.04
N LYS A 61 -3.61 -3.48 -4.55
CA LYS A 61 -4.65 -3.04 -3.63
C LYS A 61 -6.03 -3.11 -4.29
N ILE A 62 -7.02 -3.51 -3.51
CA ILE A 62 -8.38 -3.64 -3.99
C ILE A 62 -9.20 -2.45 -3.50
N TYR A 63 -10.38 -2.26 -4.11
CA TYR A 63 -11.22 -1.12 -3.76
C TYR A 63 -12.69 -1.43 -3.58
N ALA A 64 -13.20 -2.59 -4.01
CA ALA A 64 -14.63 -2.82 -3.93
C ALA A 64 -14.90 -4.33 -3.93
N MET A 65 -16.13 -4.67 -3.54
CA MET A 65 -16.59 -6.05 -3.53
C MET A 65 -18.11 -6.05 -3.53
N HIS A 66 -18.68 -7.20 -3.87
CA HIS A 66 -20.13 -7.37 -3.86
C HIS A 66 -20.44 -8.87 -3.73
N TRP A 67 -21.68 -9.16 -3.37
CA TRP A 67 -22.15 -10.53 -3.19
C TRP A 67 -23.32 -10.79 -4.13
N GLY A 68 -23.31 -11.95 -4.76
CA GLY A 68 -24.38 -12.31 -5.68
C GLY A 68 -25.64 -12.74 -4.97
N THR A 69 -26.70 -12.94 -5.77
CA THR A 69 -27.98 -13.37 -5.21
C THR A 69 -27.88 -14.77 -4.61
N ASP A 70 -27.07 -15.64 -5.20
CA ASP A 70 -26.92 -17.01 -4.73
C ASP A 70 -26.14 -17.11 -3.42
N SER A 71 -25.56 -16.00 -2.95
CA SER A 71 -24.73 -15.99 -1.75
C SER A 71 -23.53 -16.91 -1.91
N ARG A 72 -23.09 -17.12 -3.14
CA ARG A 72 -21.97 -17.97 -3.47
C ARG A 72 -20.89 -17.26 -4.26
N LEU A 73 -21.26 -16.41 -5.21
CA LEU A 73 -20.33 -15.71 -6.07
C LEU A 73 -20.09 -14.30 -5.54
N LEU A 74 -18.82 -13.92 -5.43
CA LEU A 74 -18.44 -12.58 -5.00
C LEU A 74 -17.43 -12.00 -5.97
N VAL A 75 -17.38 -10.68 -6.04
CA VAL A 75 -16.54 -9.96 -6.98
C VAL A 75 -15.53 -9.12 -6.23
N SER A 76 -14.45 -8.76 -6.93
CA SER A 76 -13.42 -7.89 -6.38
C SER A 76 -12.56 -7.39 -7.54
N ALA A 77 -12.07 -6.16 -7.39
CA ALA A 77 -11.25 -5.53 -8.41
C ALA A 77 -10.05 -4.85 -7.78
N SER A 78 -8.98 -4.69 -8.56
CA SER A 78 -7.73 -4.10 -8.09
C SER A 78 -7.26 -3.06 -9.08
N GLN A 79 -6.17 -2.37 -8.69
CA GLN A 79 -5.59 -1.34 -9.55
C GLN A 79 -5.02 -1.91 -10.84
N ASP A 80 -4.70 -3.20 -10.87
CA ASP A 80 -4.09 -3.79 -12.06
C ASP A 80 -5.05 -3.85 -13.23
N GLY A 81 -6.35 -3.84 -12.98
CA GLY A 81 -7.32 -3.88 -14.06
C GLY A 81 -7.82 -5.27 -14.39
N LYS A 82 -8.13 -6.04 -13.35
CA LYS A 82 -8.68 -7.38 -13.51
C LYS A 82 -9.95 -7.53 -12.69
N LEU A 83 -10.96 -8.17 -13.27
CA LEU A 83 -12.18 -8.51 -12.58
C LEU A 83 -12.24 -10.03 -12.44
N ILE A 84 -12.44 -10.51 -11.22
CA ILE A 84 -12.43 -11.94 -10.93
C ILE A 84 -13.63 -12.28 -10.06
N ILE A 85 -14.32 -13.36 -10.41
CA ILE A 85 -15.46 -13.86 -9.66
C ILE A 85 -15.08 -15.20 -9.05
N TRP A 86 -15.25 -15.32 -7.75
CA TRP A 86 -14.84 -16.51 -7.01
C TRP A 86 -16.07 -17.27 -6.52
N ASP A 87 -15.81 -18.38 -5.84
CA ASP A 87 -16.87 -19.27 -5.36
C ASP A 87 -17.06 -19.24 -3.86
N SER A 88 -16.05 -18.82 -3.10
CA SER A 88 -16.14 -18.64 -1.64
C SER A 88 -16.41 -19.94 -0.90
N TYR A 89 -16.48 -21.06 -1.63
CA TYR A 89 -16.66 -22.37 -1.03
C TYR A 89 -15.45 -23.28 -1.23
N THR A 90 -14.91 -23.33 -2.45
CA THR A 90 -13.69 -24.07 -2.74
C THR A 90 -12.53 -23.12 -3.04
N THR A 91 -12.61 -21.88 -2.55
CA THR A 91 -11.61 -20.82 -2.74
C THR A 91 -10.98 -20.88 -4.13
N ASN A 92 -11.85 -20.85 -5.14
CA ASN A 92 -11.43 -20.92 -6.54
C ASN A 92 -12.10 -19.80 -7.32
N LYS A 93 -11.46 -19.44 -8.43
CA LYS A 93 -11.96 -18.39 -9.31
C LYS A 93 -12.57 -19.01 -10.55
N VAL A 94 -13.68 -18.42 -11.01
CA VAL A 94 -14.38 -18.95 -12.18
C VAL A 94 -13.98 -18.21 -13.45
N HIS A 95 -13.96 -16.88 -13.42
CA HIS A 95 -13.62 -16.09 -14.59
C HIS A 95 -12.75 -14.91 -14.18
N ALA A 96 -11.74 -14.63 -15.01
CA ALA A 96 -10.91 -13.44 -14.86
C ALA A 96 -11.18 -12.52 -16.04
N ILE A 97 -11.55 -11.28 -15.75
CA ILE A 97 -12.04 -10.35 -16.75
C ILE A 97 -11.08 -9.16 -16.82
N PRO A 98 -10.18 -9.13 -17.79
CA PRO A 98 -9.45 -7.90 -18.08
C PRO A 98 -10.34 -6.90 -18.81
N LEU A 99 -9.98 -5.62 -18.69
CA LEU A 99 -10.77 -4.56 -19.29
C LEU A 99 -9.84 -3.46 -19.79
N ARG A 100 -10.41 -2.58 -20.62
CA ARG A 100 -9.63 -1.52 -21.24
C ARG A 100 -9.10 -0.53 -20.21
N SER A 101 -9.98 -0.02 -19.35
CA SER A 101 -9.58 0.95 -18.34
C SER A 101 -8.63 0.32 -17.34
N SER A 102 -7.39 0.80 -17.30
CA SER A 102 -6.37 0.19 -16.45
C SER A 102 -6.63 0.43 -14.96
N TRP A 103 -7.41 1.44 -14.62
CA TRP A 103 -7.83 1.67 -13.24
C TRP A 103 -9.35 1.61 -13.14
N VAL A 104 -9.85 0.96 -12.08
CA VAL A 104 -11.27 0.80 -11.84
C VAL A 104 -11.60 1.28 -10.44
N MET A 105 -12.88 1.59 -10.22
CA MET A 105 -13.32 2.12 -8.94
C MET A 105 -14.66 1.57 -8.49
N THR A 106 -15.23 0.58 -9.17
CA THR A 106 -16.60 0.17 -8.89
C THR A 106 -16.80 -1.29 -9.27
N CYS A 107 -17.53 -2.02 -8.43
CA CYS A 107 -17.97 -3.38 -8.73
C CYS A 107 -19.46 -3.50 -8.48
N ALA A 108 -20.12 -4.33 -9.28
CA ALA A 108 -21.56 -4.52 -9.15
C ALA A 108 -21.94 -5.86 -9.76
N TYR A 109 -22.92 -6.53 -9.15
CA TYR A 109 -23.42 -7.82 -9.61
C TYR A 109 -24.91 -7.73 -9.82
N ALA A 110 -25.38 -8.16 -10.98
CA ALA A 110 -26.81 -8.13 -11.28
C ALA A 110 -27.55 -9.15 -10.42
N PRO A 111 -28.81 -8.88 -10.09
CA PRO A 111 -29.60 -9.86 -9.33
C PRO A 111 -29.76 -11.19 -10.04
N SER A 112 -29.80 -11.19 -11.37
CA SER A 112 -29.93 -12.42 -12.13
C SER A 112 -28.61 -13.14 -12.35
N GLY A 113 -27.51 -12.58 -11.86
CA GLY A 113 -26.21 -13.22 -12.00
C GLY A 113 -25.71 -13.32 -13.42
N ASN A 114 -25.96 -12.31 -14.25
CA ASN A 114 -25.51 -12.30 -15.63
C ASN A 114 -24.66 -11.08 -15.97
N TYR A 115 -25.01 -9.90 -15.47
CA TYR A 115 -24.33 -8.66 -15.81
C TYR A 115 -23.46 -8.20 -14.65
N VAL A 116 -22.21 -7.88 -14.95
CA VAL A 116 -21.30 -7.29 -13.98
C VAL A 116 -20.84 -5.94 -14.52
N ALA A 117 -20.97 -4.90 -13.70
CA ALA A 117 -20.65 -3.54 -14.10
C ALA A 117 -19.35 -3.10 -13.42
N CYS A 118 -18.42 -2.60 -14.22
CA CYS A 118 -17.14 -2.10 -13.72
C CYS A 118 -16.99 -0.65 -14.16
N GLY A 119 -16.63 0.22 -13.21
CA GLY A 119 -16.45 1.63 -13.50
C GLY A 119 -15.27 2.19 -12.74
N GLY A 120 -14.79 3.34 -13.22
CA GLY A 120 -13.66 3.98 -12.61
C GLY A 120 -13.56 5.46 -12.95
N LEU A 121 -12.34 5.94 -13.18
CA LEU A 121 -12.11 7.33 -13.56
C LEU A 121 -11.95 7.52 -15.06
N ASP A 122 -12.23 6.47 -15.84
CA ASP A 122 -12.16 6.56 -17.29
C ASP A 122 -13.40 7.20 -17.91
N ASN A 123 -14.44 7.46 -17.11
CA ASN A 123 -15.69 8.07 -17.56
C ASN A 123 -16.45 7.18 -18.54
N ILE A 124 -16.12 5.90 -18.58
CA ILE A 124 -16.81 4.93 -19.43
C ILE A 124 -17.34 3.81 -18.54
N CYS A 125 -18.62 3.48 -18.71
CA CYS A 125 -19.25 2.40 -17.97
C CYS A 125 -19.25 1.15 -18.84
N SER A 126 -18.62 0.08 -18.35
CA SER A 126 -18.49 -1.16 -19.08
C SER A 126 -19.25 -2.26 -18.37
N ILE A 127 -20.09 -2.97 -19.12
CA ILE A 127 -20.87 -4.09 -18.60
C ILE A 127 -20.51 -5.34 -19.38
N TYR A 128 -20.33 -6.44 -18.67
CA TYR A 128 -19.86 -7.70 -19.26
C TYR A 128 -20.95 -8.75 -19.17
N ASN A 129 -21.15 -9.48 -20.26
CA ASN A 129 -22.10 -10.58 -20.31
C ASN A 129 -21.36 -11.86 -19.98
N LEU A 130 -21.52 -12.34 -18.73
CA LEU A 130 -20.76 -13.51 -18.30
C LEU A 130 -21.27 -14.79 -18.94
N LYS A 131 -22.57 -14.88 -19.22
CA LYS A 131 -23.17 -16.08 -19.81
C LYS A 131 -23.43 -15.80 -21.28
N THR A 132 -22.41 -16.01 -22.11
CA THR A 132 -22.53 -15.77 -23.54
C THR A 132 -23.13 -16.99 -24.24
N ARG A 133 -23.65 -16.75 -25.45
CA ARG A 133 -24.23 -17.83 -26.23
C ARG A 133 -23.17 -18.82 -26.69
N GLU A 134 -22.07 -18.31 -27.26
CA GLU A 134 -20.98 -19.18 -27.72
C GLU A 134 -19.71 -18.35 -27.70
N GLY A 135 -18.91 -18.52 -26.66
CA GLY A 135 -17.65 -17.80 -26.55
C GLY A 135 -17.30 -17.41 -25.13
N ASN A 136 -16.14 -16.78 -24.95
CA ASN A 136 -15.70 -16.35 -23.64
C ASN A 136 -16.33 -15.00 -23.29
N VAL A 137 -15.85 -14.37 -22.22
CA VAL A 137 -16.41 -13.10 -21.78
C VAL A 137 -16.12 -12.03 -22.83
N ARG A 138 -17.15 -11.26 -23.17
CA ARG A 138 -17.04 -10.20 -24.16
C ARG A 138 -17.80 -8.97 -23.67
N VAL A 139 -17.42 -7.81 -24.22
CA VAL A 139 -18.11 -6.57 -23.87
C VAL A 139 -19.55 -6.63 -24.38
N SER A 140 -20.43 -5.92 -23.67
CA SER A 140 -21.85 -5.91 -24.01
C SER A 140 -22.31 -4.56 -24.56
N ARG A 141 -22.10 -3.48 -23.79
CA ARG A 141 -22.51 -2.15 -24.25
C ARG A 141 -21.76 -1.11 -23.43
N GLU A 142 -20.92 -0.32 -24.09
CA GLU A 142 -20.24 0.77 -23.42
C GLU A 142 -21.22 1.90 -23.12
N LEU A 143 -20.98 2.59 -22.02
CA LEU A 143 -21.85 3.69 -21.61
C LEU A 143 -21.00 4.86 -21.14
N ALA A 144 -21.33 6.06 -21.61
CA ALA A 144 -20.59 7.26 -21.26
C ALA A 144 -21.51 8.46 -21.44
N GLY A 145 -21.01 9.64 -21.07
CA GLY A 145 -21.77 10.86 -21.16
C GLY A 145 -21.55 11.77 -19.98
N HIS A 146 -20.74 11.33 -19.04
CA HIS A 146 -20.42 12.10 -17.83
C HIS A 146 -18.97 12.58 -17.91
N THR A 147 -18.77 13.87 -17.69
CA THR A 147 -17.43 14.44 -17.72
C THR A 147 -16.68 14.25 -16.40
N GLY A 148 -17.32 13.67 -15.39
CA GLY A 148 -16.67 13.35 -14.13
C GLY A 148 -16.32 11.88 -14.03
N TYR A 149 -15.63 11.54 -12.95
CA TYR A 149 -15.19 10.17 -12.71
C TYR A 149 -16.28 9.39 -12.01
N LEU A 150 -16.59 8.20 -12.53
CA LEU A 150 -17.59 7.35 -11.91
C LEU A 150 -17.09 6.87 -10.54
N SER A 151 -18.01 6.79 -9.58
CA SER A 151 -17.68 6.40 -8.22
C SER A 151 -18.23 5.03 -7.86
N CYS A 152 -19.54 4.82 -7.99
CA CYS A 152 -20.13 3.53 -7.69
C CYS A 152 -21.47 3.41 -8.40
N CYS A 153 -21.91 2.17 -8.58
CA CYS A 153 -23.18 1.89 -9.23
C CYS A 153 -23.70 0.55 -8.72
N ARG A 154 -25.02 0.46 -8.57
CA ARG A 154 -25.67 -0.76 -8.11
C ARG A 154 -26.85 -1.07 -9.02
N PHE A 155 -26.96 -2.33 -9.43
CA PHE A 155 -28.01 -2.72 -10.36
C PHE A 155 -29.38 -2.64 -9.71
N LEU A 156 -30.37 -2.18 -10.49
CA LEU A 156 -31.77 -2.17 -10.09
C LEU A 156 -32.60 -3.20 -10.84
N ASP A 157 -32.37 -3.36 -12.13
CA ASP A 157 -33.01 -4.39 -12.94
C ASP A 157 -31.99 -4.89 -13.94
N ASP A 158 -32.45 -5.70 -14.90
CA ASP A 158 -31.57 -6.22 -15.93
C ASP A 158 -31.48 -5.33 -17.16
N ASN A 159 -32.30 -4.28 -17.25
CA ASN A 159 -32.28 -3.38 -18.38
C ASN A 159 -31.89 -1.96 -18.04
N GLN A 160 -31.90 -1.58 -16.76
CA GLN A 160 -31.53 -0.24 -16.34
C GLN A 160 -30.59 -0.32 -15.15
N ILE A 161 -29.78 0.72 -14.98
CA ILE A 161 -28.78 0.77 -13.91
C ILE A 161 -28.51 2.22 -13.57
N VAL A 162 -28.50 2.54 -12.29
CA VAL A 162 -28.16 3.87 -11.82
C VAL A 162 -26.67 3.92 -11.48
N THR A 163 -26.11 5.12 -11.45
CA THR A 163 -24.68 5.28 -11.21
C THR A 163 -24.41 6.66 -10.65
N SER A 164 -23.24 6.82 -10.06
CA SER A 164 -22.77 8.09 -9.51
C SER A 164 -21.42 8.42 -10.14
N SER A 165 -21.29 9.65 -10.62
CA SER A 165 -20.10 10.10 -11.32
C SER A 165 -19.48 11.29 -10.57
N GLY A 166 -18.39 11.81 -11.13
CA GLY A 166 -17.68 12.95 -10.60
C GLY A 166 -18.23 14.29 -11.05
N ASP A 167 -19.36 14.30 -11.76
CA ASP A 167 -19.97 15.54 -12.25
C ASP A 167 -20.99 16.11 -11.28
N THR A 168 -20.78 15.89 -9.97
CA THR A 168 -21.66 16.32 -8.88
C THR A 168 -23.13 16.10 -9.18
N THR A 169 -23.43 15.04 -9.93
CA THR A 169 -24.80 14.69 -10.26
C THR A 169 -24.89 13.19 -10.48
N CYS A 170 -26.11 12.68 -10.37
CA CYS A 170 -26.38 11.27 -10.58
C CYS A 170 -27.26 11.07 -11.81
N ALA A 171 -27.14 9.91 -12.43
CA ALA A 171 -27.92 9.62 -13.63
C ALA A 171 -28.10 8.11 -13.75
N LEU A 172 -29.22 7.72 -14.34
CA LEU A 172 -29.52 6.32 -14.62
C LEU A 172 -29.60 6.11 -16.12
N TRP A 173 -29.23 4.91 -16.55
CA TRP A 173 -29.17 4.58 -17.97
C TRP A 173 -29.95 3.30 -18.24
N ASP A 174 -30.53 3.22 -19.42
CA ASP A 174 -31.20 2.02 -19.90
C ASP A 174 -30.26 1.28 -20.84
N ILE A 175 -30.20 -0.04 -20.69
CA ILE A 175 -29.31 -0.84 -21.55
C ILE A 175 -29.72 -0.69 -23.01
N GLU A 176 -31.03 -0.74 -23.28
CA GLU A 176 -31.50 -0.46 -24.62
C GLU A 176 -31.34 1.01 -24.94
N THR A 177 -30.80 1.31 -26.13
CA THR A 177 -30.61 2.65 -26.65
C THR A 177 -29.58 3.46 -25.87
N GLY A 178 -29.07 2.90 -24.77
CA GLY A 178 -28.00 3.49 -23.98
C GLY A 178 -28.07 4.99 -23.75
N GLN A 179 -29.27 5.52 -23.56
CA GLN A 179 -29.48 6.96 -23.46
C GLN A 179 -29.95 7.33 -22.05
N GLN A 180 -29.37 8.39 -21.51
CA GLN A 180 -29.77 8.90 -20.20
C GLN A 180 -31.19 9.43 -20.25
N THR A 181 -32.07 8.85 -19.42
CA THR A 181 -33.47 9.24 -19.44
C THR A 181 -33.72 10.49 -18.58
N THR A 182 -33.45 10.40 -17.28
CA THR A 182 -33.71 11.48 -16.35
C THR A 182 -32.48 11.66 -15.45
N THR A 183 -31.81 12.81 -15.59
CA THR A 183 -30.64 13.09 -14.78
C THR A 183 -31.05 13.61 -13.41
N PHE A 184 -30.32 13.20 -12.38
CA PHE A 184 -30.57 13.61 -11.00
C PHE A 184 -29.58 14.71 -10.65
N THR A 185 -30.06 15.96 -10.60
CA THR A 185 -29.23 17.11 -10.33
C THR A 185 -29.70 17.81 -9.06
N GLY A 186 -28.77 18.55 -8.44
CA GLY A 186 -29.08 19.27 -7.23
C GLY A 186 -27.93 19.27 -6.24
N HIS A 187 -26.93 18.43 -6.48
CA HIS A 187 -25.79 18.31 -5.59
C HIS A 187 -24.71 19.33 -5.97
N THR A 188 -24.02 19.85 -4.96
CA THR A 188 -22.92 20.79 -5.15
C THR A 188 -21.56 20.11 -5.08
N GLY A 189 -21.33 19.31 -4.03
CA GLY A 189 -20.09 18.56 -3.93
C GLY A 189 -20.10 17.32 -4.81
N ASP A 190 -18.91 16.74 -4.95
CA ASP A 190 -18.78 15.53 -5.76
C ASP A 190 -19.42 14.35 -5.06
N VAL A 191 -20.26 13.62 -5.80
CA VAL A 191 -20.95 12.46 -5.25
C VAL A 191 -20.02 11.25 -5.29
N MET A 192 -19.85 10.61 -4.13
CA MET A 192 -18.93 9.47 -4.04
C MET A 192 -19.53 8.30 -3.27
N SER A 193 -20.85 8.22 -3.15
CA SER A 193 -21.47 7.11 -2.43
C SER A 193 -22.92 6.98 -2.90
N LEU A 194 -23.36 5.74 -3.11
CA LEU A 194 -24.71 5.48 -3.58
C LEU A 194 -25.08 4.05 -3.23
N SER A 195 -26.29 3.87 -2.70
CA SER A 195 -26.82 2.55 -2.39
C SER A 195 -28.29 2.50 -2.78
N LEU A 196 -28.76 1.30 -3.09
CA LEU A 196 -30.15 1.10 -3.51
C LEU A 196 -30.97 0.55 -2.34
N ALA A 197 -32.24 0.30 -2.62
CA ALA A 197 -33.22 -0.15 -1.64
C ALA A 197 -33.92 -1.39 -2.15
N PRO A 198 -34.44 -2.23 -1.24
CA PRO A 198 -35.20 -3.41 -1.70
C PRO A 198 -36.39 -3.06 -2.58
N ASP A 199 -37.05 -1.94 -2.30
CA ASP A 199 -38.12 -1.45 -3.17
C ASP A 199 -37.50 -0.66 -4.32
N THR A 200 -37.98 -0.92 -5.53
CA THR A 200 -37.43 -0.27 -6.73
C THR A 200 -38.12 1.07 -6.99
N ARG A 201 -38.21 1.90 -5.97
CA ARG A 201 -38.83 3.22 -6.10
C ARG A 201 -37.94 4.35 -5.59
N LEU A 202 -37.18 4.13 -4.52
CA LEU A 202 -36.40 5.18 -3.91
C LEU A 202 -34.97 4.70 -3.68
N PHE A 203 -34.03 5.65 -3.72
CA PHE A 203 -32.63 5.37 -3.44
C PHE A 203 -31.96 6.65 -2.97
N VAL A 204 -30.91 6.50 -2.16
CA VAL A 204 -30.22 7.62 -1.56
C VAL A 204 -28.78 7.67 -2.07
N SER A 205 -28.19 8.86 -1.96
CA SER A 205 -26.81 9.06 -2.37
C SER A 205 -26.18 10.11 -1.47
N GLY A 206 -24.86 10.06 -1.36
CA GLY A 206 -24.11 11.00 -0.54
C GLY A 206 -22.92 11.56 -1.29
N ALA A 207 -22.61 12.81 -0.98
CA ALA A 207 -21.54 13.52 -1.67
C ALA A 207 -20.52 14.09 -0.68
N CYS A 208 -19.56 14.88 -1.20
CA CYS A 208 -18.57 15.52 -0.36
C CYS A 208 -19.07 16.79 0.32
N ASP A 209 -20.29 17.22 -0.01
CA ASP A 209 -20.90 18.39 0.61
C ASP A 209 -21.44 18.10 2.00
N ALA A 210 -21.11 16.94 2.58
CA ALA A 210 -21.62 16.53 3.88
C ALA A 210 -23.14 16.53 3.91
N SER A 211 -23.75 16.10 2.82
CA SER A 211 -25.20 16.06 2.70
C SER A 211 -25.61 14.84 1.88
N ALA A 212 -26.84 14.38 2.11
CA ALA A 212 -27.40 13.25 1.38
C ALA A 212 -28.81 13.61 0.92
N LYS A 213 -29.20 13.06 -0.22
CA LYS A 213 -30.49 13.34 -0.82
C LYS A 213 -31.18 12.05 -1.24
N LEU A 214 -32.48 11.97 -0.98
CA LEU A 214 -33.29 10.84 -1.41
C LEU A 214 -33.76 11.07 -2.84
N TRP A 215 -33.55 10.09 -3.70
CA TRP A 215 -33.83 10.21 -5.12
C TRP A 215 -34.83 9.16 -5.56
N ASP A 216 -35.66 9.53 -6.54
CA ASP A 216 -36.68 8.65 -7.09
C ASP A 216 -36.27 8.21 -8.48
N VAL A 217 -36.44 6.91 -8.76
CA VAL A 217 -36.03 6.36 -10.05
C VAL A 217 -36.95 6.85 -11.16
N ARG A 218 -38.27 6.84 -10.92
CA ARG A 218 -39.22 7.07 -12.00
C ARG A 218 -39.27 8.54 -12.39
N GLU A 219 -39.67 9.41 -11.46
CA GLU A 219 -39.84 10.82 -11.78
C GLU A 219 -38.53 11.60 -11.77
N GLY A 220 -37.48 11.04 -11.19
CA GLY A 220 -36.21 11.75 -11.12
C GLY A 220 -36.27 13.04 -10.33
N MET A 221 -37.05 13.04 -9.25
CA MET A 221 -37.24 14.23 -8.41
C MET A 221 -36.76 13.90 -7.01
N CYS A 222 -35.96 14.80 -6.44
CA CYS A 222 -35.37 14.57 -5.13
C CYS A 222 -36.45 14.57 -4.06
N ARG A 223 -36.64 13.44 -3.40
CA ARG A 223 -37.70 13.31 -2.41
C ARG A 223 -37.33 13.99 -1.10
N GLN A 224 -36.24 13.55 -0.47
CA GLN A 224 -35.85 14.04 0.84
C GLN A 224 -34.38 14.42 0.84
N THR A 225 -34.02 15.38 1.69
CA THR A 225 -32.65 15.80 1.88
C THR A 225 -32.25 15.54 3.34
N PHE A 226 -31.02 15.07 3.53
CA PHE A 226 -30.53 14.73 4.85
C PHE A 226 -29.91 15.96 5.50
N THR A 227 -29.26 15.76 6.66
CA THR A 227 -28.61 16.82 7.40
C THR A 227 -27.09 16.74 7.22
N GLY A 228 -26.38 17.63 7.91
CA GLY A 228 -24.95 17.68 7.78
C GLY A 228 -24.26 16.47 8.37
N HIS A 229 -23.05 16.22 7.85
CA HIS A 229 -22.21 15.12 8.32
C HIS A 229 -20.83 15.58 8.76
N GLU A 230 -20.51 16.86 8.64
CA GLU A 230 -19.26 17.48 9.07
C GLU A 230 -18.04 16.96 8.32
N SER A 231 -18.23 16.11 7.30
CA SER A 231 -17.12 15.59 6.52
C SER A 231 -17.66 15.03 5.22
N ASP A 232 -16.74 14.62 4.35
CA ASP A 232 -17.12 14.06 3.06
C ASP A 232 -17.63 12.63 3.24
N ILE A 233 -18.80 12.34 2.68
CA ILE A 233 -19.40 11.03 2.78
C ILE A 233 -18.70 10.08 1.80
N ASN A 234 -18.29 8.92 2.29
CA ASN A 234 -17.57 7.94 1.48
C ASN A 234 -18.43 6.74 1.08
N ALA A 235 -19.16 6.16 2.04
CA ALA A 235 -19.97 4.99 1.77
C ALA A 235 -21.33 5.13 2.45
N ILE A 236 -22.30 4.35 1.95
CA ILE A 236 -23.65 4.37 2.48
C ILE A 236 -24.26 2.99 2.28
N CYS A 237 -25.15 2.60 3.20
CA CYS A 237 -25.84 1.33 3.12
C CYS A 237 -27.29 1.52 3.53
N PHE A 238 -28.15 0.61 3.08
CA PHE A 238 -29.58 0.69 3.28
C PHE A 238 -30.07 -0.43 4.18
N PHE A 239 -31.02 -0.12 5.05
CA PHE A 239 -31.64 -1.13 5.88
C PHE A 239 -32.48 -2.07 5.03
N PRO A 240 -32.50 -3.37 5.37
CA PRO A 240 -33.35 -4.30 4.60
C PRO A 240 -34.83 -3.95 4.64
N ASN A 241 -35.32 -3.39 5.75
CA ASN A 241 -36.73 -3.00 5.81
C ASN A 241 -37.03 -1.85 4.85
N GLY A 242 -36.03 -1.04 4.53
CA GLY A 242 -36.22 0.07 3.63
C GLY A 242 -36.63 1.38 4.27
N ASN A 243 -36.48 1.51 5.59
CA ASN A 243 -36.87 2.73 6.29
C ASN A 243 -35.70 3.39 7.02
N ALA A 244 -34.46 2.93 6.78
CA ALA A 244 -33.32 3.51 7.46
C ALA A 244 -32.08 3.30 6.60
N PHE A 245 -31.05 4.11 6.87
CA PHE A 245 -29.78 3.98 6.18
C PHE A 245 -28.67 4.51 7.09
N ALA A 246 -27.45 4.04 6.84
CA ALA A 246 -26.28 4.43 7.62
C ALA A 246 -25.23 5.02 6.70
N THR A 247 -24.59 6.09 7.16
CA THR A 247 -23.58 6.80 6.39
C THR A 247 -22.23 6.70 7.07
N GLY A 248 -21.21 7.24 6.41
CA GLY A 248 -19.87 7.28 6.95
C GLY A 248 -19.10 8.44 6.37
N SER A 249 -18.00 8.79 7.03
CA SER A 249 -17.18 9.92 6.62
C SER A 249 -15.83 9.83 7.31
N ASP A 250 -15.01 10.86 7.10
CA ASP A 250 -13.70 10.95 7.72
C ASP A 250 -13.75 11.52 9.13
N ASP A 251 -14.93 11.94 9.60
CA ASP A 251 -15.09 12.51 10.93
C ASP A 251 -15.00 11.47 12.04
N ALA A 252 -14.86 10.18 11.69
CA ALA A 252 -14.77 9.09 12.66
C ALA A 252 -16.05 8.95 13.48
N THR A 253 -17.17 9.40 12.92
CA THR A 253 -18.49 9.28 13.57
C THR A 253 -19.48 8.71 12.56
N CYS A 254 -19.74 7.40 12.66
CA CYS A 254 -20.79 6.80 11.87
C CYS A 254 -22.16 7.30 12.34
N ARG A 255 -23.08 7.46 11.40
CA ARG A 255 -24.40 7.96 11.69
C ARG A 255 -25.46 7.03 11.09
N LEU A 256 -26.57 6.87 11.79
CA LEU A 256 -27.70 6.07 11.34
C LEU A 256 -28.91 6.99 11.24
N PHE A 257 -29.31 7.32 10.02
CA PHE A 257 -30.45 8.18 9.76
C PHE A 257 -31.56 7.36 9.13
N ASP A 258 -32.73 7.36 9.77
CA ASP A 258 -33.87 6.64 9.21
C ASP A 258 -34.45 7.41 8.04
N LEU A 259 -34.91 6.67 7.03
CA LEU A 259 -35.53 7.31 5.87
C LEU A 259 -36.80 8.06 6.27
N ARG A 260 -37.62 7.44 7.12
CA ARG A 260 -38.84 8.10 7.57
C ARG A 260 -38.52 9.27 8.50
N ALA A 261 -37.59 9.06 9.44
CA ALA A 261 -37.25 10.11 10.39
C ALA A 261 -36.45 11.22 9.72
N ASP A 262 -35.47 10.86 8.88
CA ASP A 262 -34.61 11.83 8.19
C ASP A 262 -33.93 12.78 9.16
N GLN A 263 -33.35 12.20 10.22
CA GLN A 263 -32.63 12.98 11.22
C GLN A 263 -31.57 12.10 11.86
N GLU A 264 -30.58 12.77 12.45
CA GLU A 264 -29.51 12.05 13.14
C GLU A 264 -30.04 11.43 14.43
N LEU A 265 -29.78 10.14 14.61
CA LEU A 265 -30.23 9.43 15.80
C LEU A 265 -29.09 8.79 16.59
N MET A 266 -28.11 8.19 15.90
CA MET A 266 -27.03 7.48 16.56
C MET A 266 -25.70 8.10 16.14
N THR A 267 -24.86 8.41 17.13
CA THR A 267 -23.51 8.93 16.90
C THR A 267 -22.52 7.87 17.36
N TYR A 268 -21.88 7.21 16.40
CA TYR A 268 -20.91 6.15 16.71
C TYR A 268 -19.54 6.78 16.95
N SER A 269 -19.44 7.47 18.09
CA SER A 269 -18.24 8.20 18.46
C SER A 269 -17.49 7.44 19.55
N HIS A 270 -16.21 7.17 19.28
CA HIS A 270 -15.31 6.57 20.26
C HIS A 270 -14.09 7.45 20.40
N ASP A 271 -13.69 7.75 21.64
CA ASP A 271 -12.58 8.66 21.85
C ASP A 271 -11.27 8.09 21.33
N ASN A 272 -11.10 6.78 21.38
CA ASN A 272 -9.86 6.17 20.92
C ASN A 272 -9.66 6.34 19.43
N ILE A 273 -10.74 6.18 18.64
CA ILE A 273 -10.63 6.23 17.18
C ILE A 273 -10.53 7.67 16.72
N ILE A 274 -9.71 7.90 15.70
CA ILE A 274 -9.62 9.20 15.05
C ILE A 274 -9.66 8.99 13.53
N CYS A 275 -9.48 7.75 13.10
CA CYS A 275 -9.47 7.44 11.67
C CYS A 275 -10.89 7.44 11.12
N GLY A 276 -10.99 7.77 9.83
CA GLY A 276 -12.28 7.87 9.19
C GLY A 276 -12.87 6.52 8.82
N ILE A 277 -14.17 6.53 8.54
CA ILE A 277 -14.89 5.32 8.15
C ILE A 277 -14.81 5.16 6.63
N THR A 278 -14.61 3.93 6.19
CA THR A 278 -14.46 3.62 4.77
C THR A 278 -15.72 2.98 4.17
N SER A 279 -16.25 1.94 4.80
CA SER A 279 -17.39 1.22 4.27
C SER A 279 -18.35 0.86 5.38
N VAL A 280 -19.62 0.64 5.00
CA VAL A 280 -20.68 0.31 5.95
C VAL A 280 -21.65 -0.64 5.27
N SER A 281 -22.04 -1.71 5.97
CA SER A 281 -23.05 -2.63 5.47
C SER A 281 -23.76 -3.29 6.64
N PHE A 282 -25.04 -3.55 6.46
CA PHE A 282 -25.89 -4.07 7.52
C PHE A 282 -26.08 -5.57 7.37
N SER A 283 -26.96 -6.14 8.21
CA SER A 283 -27.33 -7.54 8.15
C SER A 283 -28.85 -7.64 8.13
N LYS A 284 -29.35 -8.87 7.97
CA LYS A 284 -30.79 -9.08 7.90
C LYS A 284 -31.47 -8.72 9.22
N SER A 285 -30.91 -9.16 10.34
CA SER A 285 -31.53 -8.93 11.64
C SER A 285 -31.59 -7.45 11.97
N GLY A 286 -30.53 -6.72 11.67
CA GLY A 286 -30.44 -5.31 11.99
C GLY A 286 -29.91 -5.00 13.37
N ARG A 287 -29.69 -6.02 14.20
CA ARG A 287 -29.11 -5.78 15.51
C ARG A 287 -27.65 -5.34 15.41
N LEU A 288 -26.91 -5.92 14.49
CA LEU A 288 -25.49 -5.67 14.33
C LEU A 288 -25.22 -4.79 13.12
N LEU A 289 -24.00 -4.26 13.06
CA LEU A 289 -23.54 -3.48 11.93
C LEU A 289 -22.02 -3.48 11.92
N LEU A 290 -21.42 -3.88 10.81
CA LEU A 290 -19.97 -3.87 10.65
C LEU A 290 -19.57 -2.71 9.76
N ALA A 291 -18.51 -2.02 10.15
CA ALA A 291 -18.03 -0.87 9.41
C ALA A 291 -16.52 -0.91 9.32
N GLY A 292 -15.99 -0.81 8.11
CA GLY A 292 -14.56 -0.75 7.94
C GLY A 292 -13.98 0.55 8.45
N TYR A 293 -12.74 0.49 8.92
CA TYR A 293 -12.09 1.63 9.54
C TYR A 293 -10.74 1.86 8.91
N ASP A 294 -10.27 3.11 9.00
CA ASP A 294 -8.97 3.51 8.49
C ASP A 294 -7.86 3.34 9.53
N ASP A 295 -8.16 2.79 10.70
CA ASP A 295 -7.16 2.54 11.72
C ASP A 295 -6.49 1.18 11.57
N PHE A 296 -6.42 0.69 10.33
CA PHE A 296 -5.68 -0.52 9.93
C PHE A 296 -6.40 -1.81 10.31
N ASN A 297 -7.68 -1.74 10.63
CA ASN A 297 -8.44 -2.94 11.00
C ASN A 297 -9.93 -2.67 10.84
N CYS A 298 -10.71 -3.75 10.83
CA CYS A 298 -12.16 -3.67 10.77
C CYS A 298 -12.75 -3.56 12.17
N ASN A 299 -13.97 -3.02 12.24
CA ASN A 299 -14.66 -2.82 13.51
C ASN A 299 -16.14 -3.15 13.35
N VAL A 300 -16.71 -3.74 14.39
CA VAL A 300 -18.13 -4.02 14.44
C VAL A 300 -18.81 -2.99 15.33
N TRP A 301 -20.13 -2.92 15.26
CA TRP A 301 -20.89 -1.94 16.02
C TRP A 301 -22.33 -2.41 16.16
N ASP A 302 -22.80 -2.56 17.38
CA ASP A 302 -24.20 -2.85 17.61
C ASP A 302 -25.06 -1.67 17.17
N ALA A 303 -26.23 -1.96 16.61
CA ALA A 303 -27.11 -0.92 16.09
C ALA A 303 -28.02 -0.36 17.17
N LEU A 304 -28.82 -1.23 17.80
CA LEU A 304 -29.75 -0.76 18.83
C LEU A 304 -29.04 -0.25 20.07
N LYS A 305 -27.80 -0.69 20.32
CA LYS A 305 -27.02 -0.26 21.47
C LYS A 305 -25.70 0.33 21.00
N ALA A 306 -25.30 1.43 21.62
CA ALA A 306 -24.04 2.09 21.29
C ALA A 306 -22.91 1.50 22.14
N ASP A 307 -22.68 0.21 21.94
CA ASP A 307 -21.68 -0.54 22.69
C ASP A 307 -20.81 -1.32 21.72
N ARG A 308 -19.49 -1.31 21.97
CA ARG A 308 -18.58 -2.11 21.18
C ARG A 308 -18.81 -3.59 21.44
N ALA A 309 -18.73 -4.39 20.38
CA ALA A 309 -19.00 -5.82 20.43
C ALA A 309 -17.82 -6.60 19.86
N GLY A 310 -16.62 -6.25 20.31
CA GLY A 310 -15.41 -6.89 19.81
C GLY A 310 -14.86 -6.21 18.58
N VAL A 311 -13.69 -6.68 18.16
CA VAL A 311 -12.97 -6.10 17.02
C VAL A 311 -12.67 -7.21 16.02
N LEU A 312 -12.43 -6.79 14.78
CA LEU A 312 -12.08 -7.69 13.69
C LEU A 312 -10.78 -7.19 13.08
N ALA A 313 -9.65 -7.65 13.63
CA ALA A 313 -8.33 -7.26 13.17
C ALA A 313 -7.67 -8.43 12.47
N GLY A 314 -6.60 -8.13 11.74
CA GLY A 314 -5.87 -9.16 11.03
C GLY A 314 -5.36 -8.74 9.67
N HIS A 315 -5.72 -7.54 9.23
CA HIS A 315 -5.34 -7.05 7.91
C HIS A 315 -4.09 -6.19 8.02
N ASP A 316 -3.12 -6.46 7.15
CA ASP A 316 -1.87 -5.70 7.19
C ASP A 316 -2.10 -4.22 6.87
N ASN A 317 -2.91 -3.94 5.86
CA ASN A 317 -3.17 -2.57 5.42
C ASN A 317 -4.58 -2.15 5.78
N ARG A 318 -4.87 -0.87 5.55
CA ARG A 318 -6.19 -0.33 5.84
C ARG A 318 -7.24 -0.96 4.93
N VAL A 319 -8.47 -1.05 5.44
CA VAL A 319 -9.55 -1.65 4.67
C VAL A 319 -10.04 -0.67 3.60
N SER A 320 -10.71 -1.22 2.59
CA SER A 320 -11.28 -0.43 1.52
C SER A 320 -12.71 -0.79 1.18
N CYS A 321 -13.20 -1.97 1.54
CA CYS A 321 -14.55 -2.38 1.22
C CYS A 321 -15.01 -3.42 2.24
N LEU A 322 -16.33 -3.55 2.37
CA LEU A 322 -16.91 -4.48 3.33
C LEU A 322 -18.36 -4.73 2.93
N GLY A 323 -18.78 -5.99 3.03
CA GLY A 323 -20.13 -6.36 2.66
C GLY A 323 -20.60 -7.59 3.42
N VAL A 324 -21.91 -7.78 3.41
CA VAL A 324 -22.56 -8.90 4.10
C VAL A 324 -23.42 -9.65 3.09
N THR A 325 -23.35 -10.98 3.13
CA THR A 325 -24.12 -11.81 2.21
C THR A 325 -25.61 -11.67 2.47
N ASP A 326 -26.40 -12.09 1.47
CA ASP A 326 -27.85 -11.97 1.56
C ASP A 326 -28.41 -12.84 2.69
N ASP A 327 -27.88 -14.05 2.84
CA ASP A 327 -28.35 -14.96 3.89
C ASP A 327 -27.81 -14.61 5.27
N GLY A 328 -26.92 -13.62 5.37
CA GLY A 328 -26.42 -13.18 6.67
C GLY A 328 -25.64 -14.23 7.41
N MET A 329 -24.77 -14.96 6.72
CA MET A 329 -23.95 -16.00 7.33
C MET A 329 -22.49 -15.61 7.45
N ALA A 330 -21.92 -14.97 6.43
CA ALA A 330 -20.50 -14.62 6.42
C ALA A 330 -20.34 -13.14 6.11
N VAL A 331 -19.22 -12.59 6.58
CA VAL A 331 -18.86 -11.20 6.32
C VAL A 331 -17.47 -11.18 5.70
N ALA A 332 -17.35 -10.48 4.58
CA ALA A 332 -16.09 -10.38 3.86
C ALA A 332 -15.62 -8.94 3.84
N THR A 333 -14.31 -8.74 4.03
CA THR A 333 -13.70 -7.42 4.09
C THR A 333 -12.53 -7.37 3.12
N GLY A 334 -12.40 -6.25 2.43
CA GLY A 334 -11.28 -6.01 1.52
C GLY A 334 -10.41 -4.89 2.03
N SER A 335 -9.09 -5.04 1.89
CA SER A 335 -8.14 -4.08 2.41
C SER A 335 -7.05 -3.83 1.38
N TRP A 336 -6.29 -2.76 1.62
CA TRP A 336 -5.31 -2.27 0.65
C TRP A 336 -4.12 -3.20 0.48
N ASP A 337 -3.96 -4.22 1.33
CA ASP A 337 -2.80 -5.10 1.26
C ASP A 337 -2.96 -6.22 0.23
N SER A 338 -3.87 -6.05 -0.73
CA SER A 338 -4.13 -7.06 -1.76
C SER A 338 -4.60 -8.37 -1.15
N PHE A 339 -5.29 -8.30 -0.01
CA PHE A 339 -5.78 -9.47 0.70
C PHE A 339 -7.30 -9.37 0.86
N LEU A 340 -7.98 -10.49 0.62
CA LEU A 340 -9.41 -10.59 0.85
C LEU A 340 -9.65 -11.56 2.01
N LYS A 341 -10.31 -11.07 3.05
CA LYS A 341 -10.56 -11.85 4.26
C LYS A 341 -12.06 -12.00 4.45
N ILE A 342 -12.52 -13.22 4.67
CA ILE A 342 -13.93 -13.52 4.85
C ILE A 342 -14.10 -14.17 6.22
N TRP A 343 -15.03 -13.65 7.01
CA TRP A 343 -15.30 -14.13 8.35
C TRP A 343 -16.60 -14.93 8.35
N ASN A 344 -16.56 -16.12 8.96
CA ASN A 344 -17.74 -16.98 9.01
C ASN A 344 -18.75 -16.48 10.04
N ASN B 5 -27.92 33.31 -15.94
CA ASN B 5 -28.60 33.21 -17.23
C ASN B 5 -29.91 32.45 -17.11
N THR B 6 -30.45 32.00 -18.24
CA THR B 6 -31.71 31.26 -18.23
C THR B 6 -31.54 29.89 -17.58
N ALA B 7 -30.39 29.25 -17.79
CA ALA B 7 -30.15 27.95 -17.16
C ALA B 7 -30.09 28.07 -15.65
N SER B 8 -29.42 29.10 -15.13
CA SER B 8 -29.36 29.31 -13.70
C SER B 8 -30.74 29.62 -13.13
N ILE B 9 -31.54 30.41 -13.86
CA ILE B 9 -32.90 30.71 -13.42
C ILE B 9 -33.73 29.43 -13.36
N ALA B 10 -33.60 28.58 -14.37
CA ALA B 10 -34.35 27.33 -14.39
C ALA B 10 -33.93 26.42 -13.24
N GLN B 11 -32.62 26.34 -12.97
CA GLN B 11 -32.14 25.54 -11.85
C GLN B 11 -32.65 26.07 -10.52
N ALA B 12 -32.65 27.40 -10.37
CA ALA B 12 -33.17 28.00 -9.14
C ALA B 12 -34.66 27.73 -8.98
N ARG B 13 -35.42 27.81 -10.07
CA ARG B 13 -36.84 27.49 -10.01
C ARG B 13 -37.08 26.04 -9.65
N LYS B 14 -36.27 25.14 -10.22
CA LYS B 14 -36.40 23.72 -9.90
C LYS B 14 -36.10 23.46 -8.42
N LEU B 15 -35.05 24.08 -7.90
CA LEU B 15 -34.72 23.88 -6.48
C LEU B 15 -35.77 24.51 -5.58
N VAL B 16 -36.35 25.64 -5.99
CA VAL B 16 -37.42 26.26 -5.21
C VAL B 16 -38.64 25.35 -5.17
N GLU B 17 -38.99 24.76 -6.32
CA GLU B 17 -40.10 23.82 -6.35
C GLU B 17 -39.81 22.58 -5.51
N GLN B 18 -38.56 22.10 -5.54
CA GLN B 18 -38.17 20.96 -4.73
C GLN B 18 -38.32 21.27 -3.25
N LEU B 19 -37.89 22.45 -2.82
CA LEU B 19 -38.00 22.83 -1.42
C LEU B 19 -39.46 23.04 -1.02
N LYS B 20 -40.26 23.60 -1.93
CA LYS B 20 -41.69 23.76 -1.65
C LYS B 20 -42.37 22.41 -1.51
N MET B 21 -42.04 21.46 -2.38
CA MET B 21 -42.59 20.11 -2.27
C MET B 21 -42.01 19.35 -1.09
N GLU B 22 -40.86 19.80 -0.56
CA GLU B 22 -40.28 19.15 0.62
C GLU B 22 -41.16 19.34 1.84
N ALA B 23 -41.91 20.44 1.91
CA ALA B 23 -42.78 20.68 3.06
C ALA B 23 -43.97 19.72 3.09
N ASN B 24 -44.46 19.32 1.93
CA ASN B 24 -45.63 18.44 1.85
C ASN B 24 -45.19 16.97 1.88
N ILE B 25 -44.51 16.61 2.97
CA ILE B 25 -44.07 15.25 3.22
C ILE B 25 -44.67 14.79 4.55
N ASP B 26 -45.28 13.61 4.56
CA ASP B 26 -45.90 13.10 5.76
C ASP B 26 -44.86 12.90 6.86
N ARG B 27 -45.23 13.29 8.09
CA ARG B 27 -44.35 13.18 9.24
C ARG B 27 -45.06 12.40 10.34
N ILE B 28 -44.36 11.40 10.89
CA ILE B 28 -44.84 10.63 12.03
C ILE B 28 -43.73 10.58 13.07
N LYS B 29 -44.12 10.32 14.31
CA LYS B 29 -43.18 10.33 15.42
C LYS B 29 -42.12 9.24 15.23
N VAL B 30 -40.87 9.59 15.55
CA VAL B 30 -39.79 8.62 15.46
C VAL B 30 -39.96 7.48 16.45
N SER B 31 -40.74 7.71 17.53
CA SER B 31 -40.99 6.65 18.49
C SER B 31 -41.68 5.46 17.84
N LYS B 32 -42.65 5.72 16.95
CA LYS B 32 -43.27 4.64 16.20
C LYS B 32 -42.27 3.94 15.30
N ALA B 33 -41.41 4.71 14.62
CA ALA B 33 -40.39 4.11 13.78
C ALA B 33 -39.41 3.29 14.60
N ALA B 34 -39.02 3.79 15.77
CA ALA B 34 -38.17 3.02 16.67
C ALA B 34 -38.86 1.74 17.12
N ALA B 35 -40.17 1.80 17.37
CA ALA B 35 -40.91 0.61 17.75
C ALA B 35 -40.91 -0.42 16.62
N ASP B 36 -41.11 0.03 15.38
CA ASP B 36 -41.05 -0.91 14.26
C ASP B 36 -39.66 -1.50 14.11
N LEU B 37 -38.62 -0.67 14.29
CA LEU B 37 -37.26 -1.18 14.20
C LEU B 37 -36.98 -2.23 15.27
N MET B 38 -37.42 -1.97 16.50
CA MET B 38 -37.21 -2.93 17.59
C MET B 38 -38.00 -4.21 17.34
N ALA B 39 -39.24 -4.10 16.85
CA ALA B 39 -40.02 -5.28 16.55
C ALA B 39 -39.37 -6.12 15.45
N TYR B 40 -38.86 -5.46 14.42
CA TYR B 40 -38.18 -6.19 13.35
C TYR B 40 -36.91 -6.86 13.87
N CYS B 41 -36.16 -6.18 14.72
CA CYS B 41 -34.95 -6.76 15.27
C CYS B 41 -35.25 -7.97 16.15
N GLU B 42 -36.28 -7.86 17.00
CA GLU B 42 -36.59 -8.95 17.92
C GLU B 42 -37.21 -10.14 17.21
N ALA B 43 -38.16 -9.89 16.30
CA ALA B 43 -38.82 -10.98 15.59
C ALA B 43 -37.83 -11.72 14.70
N HIS B 44 -36.98 -11.00 13.99
CA HIS B 44 -35.98 -11.61 13.11
C HIS B 44 -34.64 -11.72 13.84
N ALA B 45 -34.67 -12.41 14.97
CA ALA B 45 -33.46 -12.68 15.75
C ALA B 45 -33.06 -14.14 15.79
N LYS B 46 -34.03 -15.07 15.69
CA LYS B 46 -33.69 -16.48 15.69
C LYS B 46 -33.01 -16.88 14.39
N GLU B 47 -33.47 -16.35 13.26
CA GLU B 47 -32.96 -16.74 11.95
C GLU B 47 -31.80 -15.84 11.49
N ASP B 48 -30.77 -15.74 12.33
CA ASP B 48 -29.58 -14.99 11.96
C ASP B 48 -28.38 -15.61 12.66
N PRO B 49 -27.46 -16.21 11.92
CA PRO B 49 -26.29 -16.82 12.58
C PRO B 49 -25.16 -15.83 12.84
N LEU B 50 -25.49 -14.64 13.35
CA LEU B 50 -24.47 -13.68 13.75
C LEU B 50 -24.58 -13.32 15.22
N LEU B 51 -25.75 -12.86 15.68
CA LEU B 51 -25.90 -12.52 17.08
C LEU B 51 -26.07 -13.77 17.94
N THR B 52 -26.78 -14.78 17.44
CA THR B 52 -26.93 -16.04 18.13
C THR B 52 -26.04 -17.08 17.47
N PRO B 53 -25.03 -17.60 18.16
CA PRO B 53 -24.16 -18.60 17.54
C PRO B 53 -24.94 -19.86 17.17
N VAL B 54 -24.54 -20.47 16.07
CA VAL B 54 -25.21 -21.67 15.56
C VAL B 54 -24.27 -22.86 15.71
N PRO B 55 -24.79 -24.06 15.94
CA PRO B 55 -23.91 -25.24 16.01
C PRO B 55 -23.28 -25.53 14.66
N ALA B 56 -22.18 -26.27 14.71
CA ALA B 56 -21.44 -26.62 13.49
C ALA B 56 -22.22 -27.52 12.56
N SER B 57 -23.31 -28.13 13.03
CA SER B 57 -24.12 -29.00 12.17
C SER B 57 -24.74 -28.20 11.03
N GLU B 58 -25.58 -27.22 11.36
CA GLU B 58 -26.25 -26.40 10.36
C GLU B 58 -25.42 -25.15 10.04
N ASN B 59 -24.20 -25.39 9.55
CA ASN B 59 -23.29 -24.31 9.18
C ASN B 59 -22.44 -24.80 8.01
N PRO B 60 -22.80 -24.43 6.78
CA PRO B 60 -21.98 -24.84 5.62
C PRO B 60 -20.57 -24.27 5.65
N PHE B 61 -20.33 -23.20 6.41
CA PHE B 61 -19.00 -22.63 6.53
C PHE B 61 -18.16 -23.32 7.59
N ARG B 62 -18.71 -24.28 8.31
CA ARG B 62 -17.97 -25.00 9.35
C ARG B 62 -17.07 -26.06 8.73
N LEU C 5 -13.88 -32.99 -1.50
CA LEU C 5 -13.90 -32.73 -2.93
C LEU C 5 -14.39 -33.96 -3.70
N SER C 6 -15.68 -33.98 -4.00
CA SER C 6 -16.24 -35.08 -4.78
C SER C 6 -15.73 -35.03 -6.22
N ALA C 7 -16.09 -36.05 -7.00
CA ALA C 7 -15.60 -36.12 -8.36
C ALA C 7 -16.44 -35.27 -9.30
N GLU C 8 -16.70 -34.04 -8.91
CA GLU C 8 -17.27 -33.01 -9.79
C GLU C 8 -16.51 -31.70 -9.70
N ASP C 9 -16.07 -31.32 -8.51
CA ASP C 9 -15.40 -30.03 -8.29
C ASP C 9 -13.88 -30.16 -8.38
N LYS C 10 -13.40 -30.75 -9.48
CA LYS C 10 -11.97 -30.81 -9.75
C LYS C 10 -11.56 -30.03 -10.99
N ALA C 11 -12.47 -29.86 -11.96
CA ALA C 11 -12.18 -28.99 -13.10
C ALA C 11 -12.04 -27.54 -12.65
N ALA C 12 -12.83 -27.14 -11.66
CA ALA C 12 -12.68 -25.79 -11.11
C ALA C 12 -11.31 -25.60 -10.48
N VAL C 13 -10.75 -26.65 -9.88
CA VAL C 13 -9.43 -26.55 -9.26
C VAL C 13 -8.36 -26.25 -10.30
N GLU C 14 -8.37 -26.99 -11.41
CA GLU C 14 -7.36 -26.76 -12.45
C GLU C 14 -7.63 -25.44 -13.17
N ARG C 15 -8.89 -25.03 -13.31
CA ARG C 15 -9.18 -23.71 -13.86
C ARG C 15 -8.60 -22.61 -12.99
N SER C 16 -8.78 -22.74 -11.67
CA SER C 16 -8.20 -21.76 -10.75
C SER C 16 -6.68 -21.78 -10.81
N LYS C 17 -6.09 -22.97 -10.94
CA LYS C 17 -4.63 -23.06 -11.08
C LYS C 17 -4.15 -22.35 -12.32
N MET C 18 -4.86 -22.53 -13.44
CA MET C 18 -4.52 -21.81 -14.66
C MET C 18 -4.65 -20.30 -14.47
N ILE C 19 -5.69 -19.87 -13.76
CA ILE C 19 -5.87 -18.44 -13.51
C ILE C 19 -4.71 -17.88 -12.69
N GLU C 20 -4.28 -18.61 -11.66
CA GLU C 20 -3.11 -18.18 -10.90
C GLU C 20 -1.85 -18.18 -11.75
N LYS C 21 -1.74 -19.12 -12.70
CA LYS C 21 -0.60 -19.10 -13.61
C LYS C 21 -0.59 -17.83 -14.46
N GLN C 22 -1.75 -17.45 -14.99
CA GLN C 22 -1.84 -16.21 -15.77
C GLN C 22 -1.50 -14.99 -14.90
N LEU C 23 -1.99 -14.98 -13.65
CA LEU C 23 -1.68 -13.86 -12.76
C LEU C 23 -0.19 -13.79 -12.45
N GLN C 24 0.45 -14.94 -12.23
CA GLN C 24 1.90 -14.96 -11.99
C GLN C 24 2.66 -14.49 -13.22
N LYS C 25 2.17 -14.85 -14.41
CA LYS C 25 2.77 -14.33 -15.64
C LYS C 25 2.65 -12.81 -15.70
N ASP C 26 1.48 -12.28 -15.33
CA ASP C 26 1.28 -10.83 -15.37
C ASP C 26 2.19 -10.13 -14.37
N LYS C 27 2.46 -10.79 -13.23
CA LYS C 27 3.37 -10.24 -12.22
C LYS C 27 4.71 -9.83 -12.83
N GLN C 28 5.28 -10.67 -13.69
CA GLN C 28 6.61 -10.39 -14.24
C GLN C 28 6.64 -9.10 -15.05
N VAL C 29 5.49 -8.65 -15.54
CA VAL C 29 5.40 -7.37 -16.24
C VAL C 29 5.03 -6.24 -15.31
N TYR C 30 4.07 -6.48 -14.41
CA TYR C 30 3.60 -5.41 -13.52
C TYR C 30 4.69 -4.95 -12.56
N ARG C 31 5.45 -5.89 -11.99
CA ARG C 31 6.46 -5.52 -11.00
C ARG C 31 7.64 -4.78 -11.62
N ALA C 32 7.86 -4.92 -12.93
CA ALA C 32 9.00 -4.31 -13.60
C ALA C 32 8.60 -3.08 -14.41
N THR C 33 7.42 -2.51 -14.16
CA THR C 33 6.96 -1.33 -14.87
C THR C 33 6.87 -0.18 -13.88
N HIS C 34 7.46 0.96 -14.26
CA HIS C 34 7.51 2.14 -13.42
C HIS C 34 6.52 3.16 -13.93
N ARG C 35 5.64 3.65 -13.04
CA ARG C 35 4.59 4.59 -13.40
C ARG C 35 4.87 5.94 -12.77
N LEU C 36 4.46 7.00 -13.48
CA LEU C 36 4.71 8.36 -13.06
C LEU C 36 3.43 9.19 -13.18
N LEU C 37 3.35 10.23 -12.37
CA LEU C 37 2.25 11.19 -12.41
C LEU C 37 2.76 12.43 -13.12
N LEU C 38 2.08 12.82 -14.20
CA LEU C 38 2.49 13.95 -15.03
C LEU C 38 1.46 15.06 -14.83
N LEU C 39 1.81 16.03 -13.99
CA LEU C 39 0.94 17.17 -13.72
C LEU C 39 1.20 18.27 -14.75
N GLY C 40 0.63 19.45 -14.51
CA GLY C 40 0.84 20.57 -15.42
C GLY C 40 -0.43 21.35 -15.68
N ALA C 41 -0.34 22.38 -16.51
CA ALA C 41 -1.47 23.23 -16.86
C ALA C 41 -1.35 23.66 -18.31
N ASP C 42 -2.30 24.48 -18.75
CA ASP C 42 -2.29 24.96 -20.13
C ASP C 42 -1.16 25.97 -20.33
N ASN C 43 -1.00 26.37 -21.59
CA ASN C 43 0.08 27.24 -22.06
C ASN C 43 1.47 26.70 -21.75
N SER C 44 1.57 25.45 -21.31
CA SER C 44 2.86 24.80 -21.09
C SER C 44 3.20 23.92 -22.30
N GLY C 45 4.26 23.13 -22.17
CA GLY C 45 4.71 22.30 -23.28
C GLY C 45 4.20 20.88 -23.23
N LYS C 46 2.93 20.69 -22.88
CA LYS C 46 2.37 19.35 -22.78
C LYS C 46 2.38 18.63 -24.13
N SER C 47 2.03 19.34 -25.20
CA SER C 47 1.96 18.71 -26.51
C SER C 47 3.32 18.20 -26.96
N THR C 48 4.38 18.98 -26.74
CA THR C 48 5.70 18.58 -27.18
C THR C 48 6.20 17.36 -26.40
N ILE C 49 6.04 17.37 -25.08
CA ILE C 49 6.54 16.27 -24.27
C ILE C 49 5.73 15.00 -24.51
N VAL C 50 4.41 15.14 -24.71
CA VAL C 50 3.56 13.95 -24.87
C VAL C 50 3.64 13.34 -26.26
N LYS C 51 4.18 14.07 -27.25
CA LYS C 51 4.24 13.59 -28.62
C LYS C 51 5.46 12.72 -28.90
N GLN C 52 6.34 12.52 -27.92
CA GLN C 52 7.53 11.71 -28.12
C GLN C 52 7.16 10.23 -28.26
N SER C 182 -12.51 9.61 -23.41
CA SER C 182 -11.90 10.93 -23.29
C SER C 182 -11.59 11.25 -21.83
N GLY C 183 -11.03 10.27 -21.12
CA GLY C 183 -10.71 10.44 -19.72
C GLY C 183 -9.23 10.45 -19.44
N ILE C 184 -8.70 9.33 -18.95
CA ILE C 184 -7.29 9.22 -18.58
C ILE C 184 -6.51 8.74 -19.81
N PHE C 185 -5.47 9.48 -20.17
CA PHE C 185 -4.62 9.14 -21.30
C PHE C 185 -3.38 8.42 -20.83
N GLU C 186 -2.66 7.82 -21.79
CA GLU C 186 -1.46 7.08 -21.48
C GLU C 186 -0.54 7.05 -22.70
N THR C 187 0.76 7.19 -22.46
CA THR C 187 1.78 7.12 -23.49
C THR C 187 2.88 6.18 -23.03
N LYS C 188 3.44 5.42 -23.98
CA LYS C 188 4.45 4.42 -23.68
C LYS C 188 5.73 4.74 -24.42
N PHE C 189 6.85 4.62 -23.73
CA PHE C 189 8.17 4.85 -24.33
C PHE C 189 9.18 3.93 -23.69
N GLN C 190 10.15 3.48 -24.50
CA GLN C 190 11.19 2.56 -24.04
C GLN C 190 12.46 3.35 -23.77
N VAL C 191 13.01 3.22 -22.56
CA VAL C 191 14.22 3.93 -22.15
C VAL C 191 15.17 2.95 -21.50
N ASP C 192 16.33 2.73 -22.13
CA ASP C 192 17.42 1.92 -21.60
C ASP C 192 16.92 0.56 -21.11
N LYS C 193 16.09 -0.08 -21.95
CA LYS C 193 15.59 -1.43 -21.69
C LYS C 193 14.81 -1.51 -20.38
N VAL C 194 14.20 -0.40 -19.97
CA VAL C 194 13.37 -0.35 -18.76
C VAL C 194 12.04 0.29 -19.14
N ASN C 195 10.94 -0.40 -18.86
CA ASN C 195 9.62 0.10 -19.22
C ASN C 195 9.24 1.26 -18.31
N PHE C 196 8.55 2.25 -18.88
CA PHE C 196 8.10 3.41 -18.13
C PHE C 196 6.65 3.71 -18.52
N HIS C 197 5.93 4.32 -17.59
CA HIS C 197 4.51 4.61 -17.76
C HIS C 197 4.26 6.09 -17.49
N MET C 198 3.60 6.76 -18.43
CA MET C 198 3.23 8.16 -18.27
C MET C 198 1.71 8.27 -18.18
N PHE C 199 1.24 9.06 -17.22
CA PHE C 199 -0.19 9.22 -16.97
C PHE C 199 -0.53 10.70 -16.94
N ASP C 200 -1.43 11.12 -17.81
CA ASP C 200 -1.93 12.49 -17.83
C ASP C 200 -3.45 12.49 -17.97
N VAL C 201 -4.09 13.44 -17.31
CA VAL C 201 -5.54 13.53 -17.30
C VAL C 201 -5.97 14.73 -18.13
N GLY C 202 -7.17 14.65 -18.68
CA GLY C 202 -7.71 15.72 -19.50
C GLY C 202 -9.09 16.16 -19.08
N ALA C 203 -9.57 15.65 -17.95
CA ALA C 203 -10.88 15.98 -17.42
C ALA C 203 -10.79 16.26 -15.93
N GLN C 204 -9.78 17.02 -15.52
CA GLN C 204 -9.56 17.36 -14.12
C GLN C 204 -10.18 18.72 -13.83
N ARG C 205 -11.10 18.76 -12.87
CA ARG C 205 -11.75 20.00 -12.48
C ARG C 205 -10.84 20.76 -11.50
N ASP C 206 -11.40 21.80 -10.88
CA ASP C 206 -10.62 22.57 -9.90
C ASP C 206 -10.22 21.71 -8.72
N GLU C 207 -11.14 20.86 -8.23
CA GLU C 207 -10.83 19.96 -7.15
C GLU C 207 -9.77 18.95 -7.58
N ARG C 208 -8.81 18.67 -6.69
CA ARG C 208 -7.70 17.80 -7.04
C ARG C 208 -7.52 16.69 -5.99
N ARG C 209 -7.98 16.94 -4.77
CA ARG C 209 -7.77 15.98 -3.68
C ARG C 209 -8.75 14.82 -3.73
N LYS C 210 -9.72 14.82 -4.65
CA LYS C 210 -10.71 13.75 -4.70
C LYS C 210 -10.08 12.43 -5.13
N TRP C 211 -9.50 12.39 -6.32
CA TRP C 211 -8.93 11.16 -6.86
C TRP C 211 -7.45 11.00 -6.54
N ILE C 212 -6.87 11.91 -5.75
CA ILE C 212 -5.47 11.80 -5.37
C ILE C 212 -5.21 10.65 -4.42
N GLN C 213 -6.27 10.05 -3.86
CA GLN C 213 -6.10 8.97 -2.89
C GLN C 213 -5.42 7.75 -3.52
N CYS C 214 -5.83 7.39 -4.74
CA CYS C 214 -5.31 6.21 -5.42
C CYS C 214 -3.97 6.47 -6.09
N PHE C 215 -3.29 7.56 -5.75
CA PHE C 215 -2.02 7.93 -6.35
C PHE C 215 -0.84 7.69 -5.42
N ASN C 216 -1.07 7.02 -4.29
CA ASN C 216 -0.01 6.82 -3.30
C ASN C 216 1.05 5.83 -3.76
N ASP C 217 0.70 4.91 -4.67
CA ASP C 217 1.63 3.87 -5.10
C ASP C 217 2.54 4.33 -6.23
N VAL C 218 2.40 5.57 -6.70
CA VAL C 218 3.24 6.03 -7.80
C VAL C 218 4.68 6.24 -7.30
N THR C 219 5.62 6.19 -8.26
CA THR C 219 7.04 6.25 -7.93
C THR C 219 7.55 7.69 -7.87
N ALA C 220 7.31 8.47 -8.91
CA ALA C 220 7.74 9.87 -8.94
C ALA C 220 6.68 10.69 -9.63
N ILE C 221 6.69 11.99 -9.36
CA ILE C 221 5.67 12.91 -9.83
C ILE C 221 6.34 13.96 -10.71
N ILE C 222 5.81 14.14 -11.91
CA ILE C 222 6.38 15.05 -12.90
C ILE C 222 5.57 16.35 -12.86
N PHE C 223 6.27 17.47 -12.67
CA PHE C 223 5.66 18.79 -12.68
C PHE C 223 6.22 19.59 -13.85
N VAL C 224 5.34 20.19 -14.64
CA VAL C 224 5.72 20.96 -15.81
C VAL C 224 5.29 22.40 -15.59
N VAL C 225 6.23 23.33 -15.77
CA VAL C 225 5.96 24.75 -15.62
C VAL C 225 6.25 25.44 -16.95
N ASP C 226 5.59 26.57 -17.17
CA ASP C 226 5.78 27.33 -18.39
C ASP C 226 7.15 28.01 -18.40
N SER C 227 7.39 28.88 -17.42
CA SER C 227 8.64 29.62 -17.25
C SER C 227 8.99 30.50 -18.44
N SER C 228 8.08 30.66 -19.40
CA SER C 228 8.28 31.57 -20.52
C SER C 228 7.52 32.88 -20.30
N ASP C 229 6.21 32.80 -20.09
CA ASP C 229 5.44 33.97 -19.71
C ASP C 229 5.70 34.28 -18.24
N TYR C 230 6.06 35.54 -17.97
CA TYR C 230 6.44 35.91 -16.61
C TYR C 230 5.26 35.93 -15.65
N ASN C 231 4.04 36.08 -16.16
CA ASN C 231 2.86 35.89 -15.34
C ASN C 231 2.52 34.40 -15.25
N ARG C 232 1.41 34.10 -14.57
CA ARG C 232 0.96 32.72 -14.38
C ARG C 232 2.05 31.86 -13.75
N LEU C 233 2.80 32.45 -12.82
CA LEU C 233 3.90 31.79 -12.15
C LEU C 233 3.65 31.55 -10.66
N GLN C 234 3.02 32.51 -9.97
CA GLN C 234 2.70 32.33 -8.56
C GLN C 234 1.70 31.19 -8.35
N GLU C 235 0.77 31.02 -9.30
CA GLU C 235 -0.16 29.89 -9.22
C GLU C 235 0.59 28.57 -9.31
N ALA C 236 1.63 28.51 -10.14
CA ALA C 236 2.45 27.31 -10.21
C ALA C 236 3.13 27.02 -8.87
N LEU C 237 3.65 28.06 -8.21
CA LEU C 237 4.27 27.87 -6.90
C LEU C 237 3.24 27.42 -5.87
N ASN C 238 2.03 27.97 -5.92
CA ASN C 238 0.98 27.54 -5.00
C ASN C 238 0.62 26.09 -5.23
N ASP C 239 0.50 25.67 -6.49
CA ASP C 239 0.24 24.28 -6.80
C ASP C 239 1.36 23.37 -6.30
N PHE C 240 2.61 23.81 -6.49
CA PHE C 240 3.75 23.03 -6.02
C PHE C 240 3.73 22.87 -4.49
N LYS C 241 3.42 23.94 -3.78
CA LYS C 241 3.31 23.85 -2.33
C LYS C 241 2.16 22.95 -1.92
N SER C 242 1.03 23.02 -2.64
CA SER C 242 -0.12 22.19 -2.29
C SER C 242 0.19 20.70 -2.47
N ILE C 243 0.84 20.33 -3.58
CA ILE C 243 1.15 18.93 -3.78
C ILE C 243 2.26 18.49 -2.83
N TRP C 244 3.21 19.37 -2.55
CA TRP C 244 4.36 19.04 -1.71
C TRP C 244 3.99 18.92 -0.24
N ASN C 245 2.86 19.48 0.19
CA ASN C 245 2.50 19.54 1.59
C ASN C 245 1.33 18.63 1.95
N ASN C 246 0.90 17.75 1.06
CA ASN C 246 -0.18 16.85 1.41
C ASN C 246 0.32 15.74 2.33
N ARG C 247 -0.63 15.06 2.97
CA ARG C 247 -0.29 14.06 3.98
C ARG C 247 -0.27 12.64 3.43
N TRP C 248 -1.25 12.27 2.61
CA TRP C 248 -1.33 10.90 2.12
C TRP C 248 -0.15 10.56 1.22
N LEU C 249 0.24 11.49 0.35
CA LEU C 249 1.32 11.26 -0.61
C LEU C 249 2.65 11.85 -0.16
N ARG C 250 2.88 11.92 1.16
CA ARG C 250 4.15 12.43 1.65
C ARG C 250 5.20 11.32 1.67
N THR C 251 5.29 10.58 0.56
CA THR C 251 6.37 9.62 0.36
C THR C 251 6.82 9.56 -1.09
N ILE C 252 6.29 10.40 -1.97
CA ILE C 252 6.67 10.46 -3.38
C ILE C 252 7.49 11.71 -3.61
N SER C 253 8.62 11.55 -4.30
CA SER C 253 9.43 12.69 -4.69
C SER C 253 8.83 13.38 -5.91
N VAL C 254 9.26 14.61 -6.14
CA VAL C 254 8.76 15.44 -7.23
C VAL C 254 9.91 15.74 -8.18
N ILE C 255 9.69 15.55 -9.47
CA ILE C 255 10.67 15.84 -10.50
C ILE C 255 10.29 17.16 -11.15
N LEU C 256 11.14 18.16 -10.98
CA LEU C 256 10.87 19.46 -11.58
C LEU C 256 11.21 19.44 -13.07
N PHE C 257 10.72 20.44 -13.78
CA PHE C 257 10.96 20.53 -15.22
C PHE C 257 10.86 21.97 -15.65
N LEU C 258 11.45 22.26 -16.81
CA LEU C 258 11.40 23.59 -17.39
C LEU C 258 11.20 23.46 -18.89
N ASN C 259 10.34 24.32 -19.44
CA ASN C 259 9.95 24.24 -20.84
C ASN C 259 10.04 25.61 -21.47
N LYS C 260 9.94 25.64 -22.80
CA LYS C 260 9.98 26.89 -23.58
C LYS C 260 11.25 27.68 -23.29
N GLN C 261 12.39 26.99 -23.38
CA GLN C 261 13.68 27.66 -23.18
C GLN C 261 13.93 28.72 -24.23
N ASP C 262 13.37 28.55 -25.43
CA ASP C 262 13.56 29.54 -26.48
C ASP C 262 12.87 30.85 -26.13
N LEU C 263 11.59 30.78 -25.72
CA LEU C 263 10.82 31.99 -25.45
C LEU C 263 11.44 32.81 -24.31
N LEU C 264 12.11 32.16 -23.38
CA LEU C 264 12.77 32.89 -22.30
C LEU C 264 13.92 33.72 -22.84
N ALA C 265 14.58 33.26 -23.90
CA ALA C 265 15.78 33.93 -24.38
C ALA C 265 15.49 35.31 -24.92
N GLU C 266 14.52 35.44 -25.83
CA GLU C 266 14.25 36.73 -26.44
C GLU C 266 13.50 37.68 -25.51
N LYS C 267 13.03 37.21 -24.36
CA LYS C 267 12.32 38.06 -23.41
C LYS C 267 13.24 38.76 -22.42
N VAL C 268 14.29 38.08 -21.96
CA VAL C 268 15.20 38.69 -20.99
C VAL C 268 16.03 39.78 -21.66
N LEU C 269 16.51 39.55 -22.88
CA LEU C 269 17.31 40.55 -23.58
C LEU C 269 16.48 41.69 -24.14
N ALA C 270 15.15 41.57 -24.15
CA ALA C 270 14.28 42.64 -24.60
C ALA C 270 13.80 43.44 -23.40
N GLY C 271 13.96 44.75 -23.46
CA GLY C 271 13.59 45.62 -22.37
C GLY C 271 12.12 45.99 -22.34
N LYS C 272 11.25 44.98 -22.47
CA LYS C 272 9.81 45.20 -22.42
C LYS C 272 9.18 44.54 -21.20
N SER C 273 9.39 43.24 -21.01
CA SER C 273 8.85 42.53 -19.84
C SER C 273 9.97 42.28 -18.83
N LYS C 274 10.42 43.37 -18.21
CA LYS C 274 11.45 43.26 -17.19
C LYS C 274 10.92 42.50 -15.97
N ILE C 275 11.71 41.57 -15.45
CA ILE C 275 11.30 40.79 -14.28
C ILE C 275 11.43 41.56 -12.99
N GLU C 276 12.11 42.71 -12.99
CA GLU C 276 12.24 43.50 -11.76
C GLU C 276 10.88 43.99 -11.28
N ASP C 277 10.02 44.44 -12.20
CA ASP C 277 8.71 44.94 -11.80
C ASP C 277 7.83 43.82 -11.26
N TYR C 278 7.95 42.61 -11.79
CA TYR C 278 7.16 41.50 -11.30
C TYR C 278 7.62 41.08 -9.90
N PHE C 279 8.88 40.66 -9.78
CA PHE C 279 9.46 40.31 -8.48
C PHE C 279 10.46 41.39 -8.09
N PRO C 280 10.23 42.12 -6.99
CA PRO C 280 11.12 43.23 -6.64
C PRO C 280 12.40 42.81 -5.93
N GLU C 281 12.70 41.52 -5.85
CA GLU C 281 13.94 41.05 -5.22
C GLU C 281 15.05 40.79 -6.25
N PHE C 282 14.83 41.20 -7.50
CA PHE C 282 15.87 41.04 -8.52
C PHE C 282 17.10 41.90 -8.19
N ALA C 283 16.88 43.09 -7.61
CA ALA C 283 18.00 43.96 -7.26
C ALA C 283 18.92 43.33 -6.24
N ARG C 284 18.45 42.35 -5.48
CA ARG C 284 19.27 41.60 -4.53
C ARG C 284 19.30 40.15 -5.02
N TYR C 285 20.26 39.85 -5.90
CA TYR C 285 20.46 38.49 -6.36
C TYR C 285 21.85 38.40 -6.99
N THR C 286 22.62 37.41 -6.56
CA THR C 286 23.94 37.13 -7.10
C THR C 286 23.96 35.69 -7.61
N THR C 287 24.54 35.50 -8.80
CA THR C 287 24.57 34.18 -9.42
C THR C 287 25.30 33.20 -8.50
N PRO C 288 24.71 32.04 -8.22
CA PRO C 288 25.38 31.08 -7.32
C PRO C 288 26.69 30.58 -7.90
N GLU C 289 27.62 30.26 -6.99
CA GLU C 289 28.93 29.78 -7.41
C GLU C 289 28.82 28.47 -8.19
N ASP C 290 27.95 27.56 -7.73
CA ASP C 290 27.73 26.28 -8.41
C ASP C 290 26.87 26.54 -9.63
N ALA C 291 27.51 27.06 -10.68
CA ALA C 291 26.83 27.44 -11.91
C ALA C 291 27.43 26.69 -13.09
N THR C 292 26.58 26.31 -14.04
CA THR C 292 26.99 25.65 -15.28
C THR C 292 26.40 26.42 -16.46
N PRO C 293 26.94 27.60 -16.75
CA PRO C 293 26.33 28.45 -17.79
C PRO C 293 26.60 27.91 -19.18
N GLU C 294 25.58 28.01 -20.03
CA GLU C 294 25.75 27.67 -21.43
C GLU C 294 26.64 28.72 -22.09
N PRO C 295 27.52 28.33 -23.00
CA PRO C 295 28.41 29.29 -23.65
C PRO C 295 27.63 30.32 -24.45
N GLY C 296 28.20 31.53 -24.53
CA GLY C 296 27.55 32.62 -25.25
C GLY C 296 26.27 33.11 -24.63
N GLU C 297 26.19 33.12 -23.31
CA GLU C 297 25.01 33.60 -22.58
C GLU C 297 25.42 34.77 -21.70
N ASP C 298 24.72 35.89 -21.84
CA ASP C 298 24.97 37.04 -21.01
C ASP C 298 24.55 36.75 -19.57
N PRO C 299 25.13 37.46 -18.59
CA PRO C 299 24.81 37.15 -17.19
C PRO C 299 23.34 37.29 -16.84
N ARG C 300 22.58 38.10 -17.58
CA ARG C 300 21.15 38.25 -17.27
C ARG C 300 20.40 36.96 -17.49
N VAL C 301 20.74 36.21 -18.55
CA VAL C 301 20.00 34.99 -18.87
C VAL C 301 20.22 33.94 -17.78
N THR C 302 21.48 33.70 -17.41
CA THR C 302 21.74 32.74 -16.34
C THR C 302 21.21 33.24 -15.00
N ARG C 303 21.24 34.56 -14.79
CA ARG C 303 20.65 35.12 -13.58
C ARG C 303 19.17 34.82 -13.49
N ALA C 304 18.44 34.96 -14.60
CA ALA C 304 17.02 34.65 -14.60
C ALA C 304 16.76 33.15 -14.45
N LYS C 305 17.60 32.32 -15.10
CA LYS C 305 17.44 30.87 -14.96
C LYS C 305 17.60 30.44 -13.51
N TYR C 306 18.67 30.91 -12.85
CA TYR C 306 18.86 30.56 -11.45
C TYR C 306 17.88 31.29 -10.54
N PHE C 307 17.35 32.43 -10.96
CA PHE C 307 16.23 33.05 -10.27
C PHE C 307 15.05 32.09 -10.18
N ILE C 308 14.65 31.54 -11.32
CA ILE C 308 13.54 30.58 -11.35
C ILE C 308 13.88 29.34 -10.54
N ARG C 309 15.11 28.83 -10.70
CA ARG C 309 15.50 27.62 -9.98
C ARG C 309 15.46 27.82 -8.47
N ASP C 310 15.99 28.94 -8.00
CA ASP C 310 16.02 29.20 -6.56
C ASP C 310 14.62 29.45 -6.01
N GLU C 311 13.81 30.24 -6.73
CA GLU C 311 12.45 30.48 -6.27
C GLU C 311 11.61 29.20 -6.29
N PHE C 312 11.98 28.22 -7.12
CA PHE C 312 11.30 26.94 -7.08
C PHE C 312 11.85 26.03 -5.97
N LEU C 313 13.12 26.18 -5.61
CA LEU C 313 13.73 25.35 -4.58
C LEU C 313 13.52 25.89 -3.16
N ARG C 314 13.17 27.16 -3.02
CA ARG C 314 13.01 27.74 -1.68
C ARG C 314 11.89 27.06 -0.90
N ILE C 315 10.78 26.77 -1.59
CA ILE C 315 9.64 26.16 -0.92
C ILE C 315 9.96 24.73 -0.49
N SER C 316 10.72 24.00 -1.32
CA SER C 316 10.96 22.59 -1.06
C SER C 316 11.83 22.38 0.18
N THR C 317 12.81 23.26 0.40
CA THR C 317 13.74 23.08 1.52
C THR C 317 13.08 23.32 2.87
N ALA C 318 11.91 23.93 2.92
CA ALA C 318 11.25 24.17 4.20
C ALA C 318 10.72 22.88 4.81
N SER C 319 9.82 22.20 4.10
CA SER C 319 9.25 20.95 4.57
C SER C 319 10.09 19.79 4.03
N GLY C 320 9.57 18.57 4.17
CA GLY C 320 10.27 17.39 3.70
C GLY C 320 11.11 16.72 4.77
N ASP C 321 12.42 16.71 4.57
CA ASP C 321 13.37 16.10 5.51
C ASP C 321 13.07 14.63 5.77
N GLY C 322 12.37 13.98 4.85
CA GLY C 322 12.01 12.58 5.01
C GLY C 322 12.57 11.69 3.94
N ARG C 323 11.70 11.12 3.12
CA ARG C 323 12.10 10.19 2.07
C ARG C 323 11.97 10.77 0.67
N HIS C 324 11.60 12.05 0.54
CA HIS C 324 11.40 12.66 -0.76
C HIS C 324 12.11 14.00 -0.83
N TYR C 325 12.64 14.32 -2.02
CA TYR C 325 13.28 15.61 -2.26
C TYR C 325 12.78 16.20 -3.58
N CYS C 326 13.38 17.30 -4.00
CA CYS C 326 13.05 17.95 -5.26
C CYS C 326 14.29 18.00 -6.14
N TYR C 327 14.10 17.70 -7.43
CA TYR C 327 15.20 17.58 -8.39
C TYR C 327 14.98 18.56 -9.55
N PRO C 328 15.49 19.78 -9.44
CA PRO C 328 15.43 20.71 -10.58
C PRO C 328 16.08 20.12 -11.83
N HIS C 329 15.46 20.40 -12.97
CA HIS C 329 16.01 19.99 -14.26
C HIS C 329 15.85 21.12 -15.25
N PHE C 330 16.73 21.13 -16.25
CA PHE C 330 16.77 22.21 -17.25
C PHE C 330 17.03 21.57 -18.61
N THR C 331 15.96 21.24 -19.31
CA THR C 331 16.03 20.62 -20.63
C THR C 331 15.12 21.36 -21.60
N CYS C 332 15.53 21.39 -22.86
CA CYS C 332 14.78 22.10 -23.89
C CYS C 332 13.52 21.32 -24.24
N SER C 333 12.77 21.84 -25.23
CA SER C 333 11.53 21.20 -25.65
C SER C 333 11.80 20.10 -26.66
N VAL C 334 12.42 20.44 -27.78
CA VAL C 334 12.73 19.47 -28.84
C VAL C 334 14.11 18.90 -28.52
N ASP C 335 14.14 17.88 -27.67
CA ASP C 335 15.40 17.25 -27.29
C ASP C 335 15.14 15.79 -26.95
N THR C 336 16.21 14.99 -27.01
CA THR C 336 16.13 13.57 -26.71
C THR C 336 16.80 13.18 -25.41
N GLU C 337 17.53 14.10 -24.77
CA GLU C 337 18.18 13.81 -23.50
C GLU C 337 17.21 13.71 -22.33
N ASN C 338 15.92 13.87 -22.58
CA ASN C 338 14.92 13.79 -21.52
C ASN C 338 14.94 12.43 -20.84
N ALA C 339 15.02 11.36 -21.64
CA ALA C 339 15.01 10.01 -21.11
C ALA C 339 16.18 9.80 -20.16
N ARG C 340 17.35 10.35 -20.48
CA ARG C 340 18.50 10.25 -19.59
C ARG C 340 18.22 10.93 -18.25
N ARG C 341 17.55 12.10 -18.29
CA ARG C 341 17.24 12.80 -17.05
C ARG C 341 16.29 11.98 -16.18
N ILE C 342 15.22 11.45 -16.77
CA ILE C 342 14.29 10.63 -15.97
C ILE C 342 14.98 9.38 -15.47
N PHE C 343 15.84 8.78 -16.30
CA PHE C 343 16.57 7.59 -15.88
C PHE C 343 17.44 7.87 -14.66
N ASN C 344 18.22 8.96 -14.70
CA ASN C 344 19.10 9.26 -13.57
C ASN C 344 18.31 9.62 -12.33
N ASP C 345 17.22 10.39 -12.47
CA ASP C 345 16.40 10.75 -11.33
C ASP C 345 15.81 9.51 -10.66
N CYS C 346 15.21 8.63 -11.46
CA CYS C 346 14.59 7.44 -10.90
C CYS C 346 15.62 6.49 -10.30
N ARG C 347 16.79 6.36 -10.95
CA ARG C 347 17.84 5.52 -10.39
C ARG C 347 18.31 6.05 -9.05
N ASP C 348 18.53 7.36 -8.95
CA ASP C 348 18.93 7.94 -7.68
C ASP C 348 17.88 7.74 -6.61
N ILE C 349 16.60 7.93 -6.96
CA ILE C 349 15.53 7.80 -5.99
C ILE C 349 15.45 6.36 -5.49
N ILE C 350 15.49 5.40 -6.40
CA ILE C 350 15.40 3.98 -6.01
C ILE C 350 16.61 3.59 -5.18
N GLN C 351 17.80 4.05 -5.56
CA GLN C 351 19.00 3.73 -4.79
C GLN C 351 18.91 4.28 -3.38
N ARG C 352 18.48 5.54 -3.24
CA ARG C 352 18.35 6.13 -1.92
C ARG C 352 17.30 5.39 -1.09
N MET C 353 16.17 5.04 -1.70
CA MET C 353 15.12 4.33 -0.97
C MET C 353 15.61 2.97 -0.50
N HIS C 354 16.29 2.23 -1.37
CA HIS C 354 16.78 0.90 -0.99
C HIS C 354 17.84 0.99 0.10
N LEU C 355 18.77 1.95 -0.02
CA LEU C 355 19.79 2.09 1.00
C LEU C 355 19.19 2.51 2.34
N ARG C 356 18.17 3.36 2.31
CA ARG C 356 17.46 3.71 3.54
C ARG C 356 16.76 2.50 4.13
N GLN C 357 16.15 1.67 3.28
CA GLN C 357 15.49 0.46 3.75
C GLN C 357 16.49 -0.52 4.35
N TYR C 358 17.74 -0.48 3.89
CA TYR C 358 18.76 -1.39 4.38
C TYR C 358 19.42 -0.90 5.66
N GLU C 359 18.88 0.15 6.29
CA GLU C 359 19.29 0.69 7.58
C GLU C 359 20.65 1.38 7.51
N LEU C 360 21.31 1.40 6.36
CA LEU C 360 22.63 2.02 6.27
C LEU C 360 22.58 3.50 6.63
N LEU C 361 21.56 4.21 6.15
CA LEU C 361 21.37 5.60 6.55
C LEU C 361 20.36 5.69 7.69
N VAL D 277 52.09 -24.83 7.37
CA VAL D 277 52.45 -23.60 8.08
C VAL D 277 52.44 -23.83 9.57
N VAL D 278 53.36 -23.18 10.27
CA VAL D 278 53.40 -23.28 11.74
C VAL D 278 52.16 -22.63 12.32
N PRO D 279 51.42 -23.30 13.21
CA PRO D 279 50.19 -22.72 13.75
C PRO D 279 50.44 -21.44 14.54
N LEU D 280 51.32 -21.52 15.55
CA LEU D 280 51.64 -20.38 16.41
C LEU D 280 50.37 -19.76 17.00
N GLU D 281 49.49 -20.63 17.50
CA GLU D 281 48.22 -20.17 18.07
C GLU D 281 48.37 -19.74 19.52
N LEU D 282 48.91 -20.61 20.38
CA LEU D 282 49.08 -20.27 21.78
C LEU D 282 50.19 -21.15 22.36
N ALA D 283 51.35 -20.54 22.61
CA ALA D 283 52.46 -21.25 23.24
C ALA D 283 52.46 -21.03 24.76
N ARG D 284 52.58 -19.78 25.19
CA ARG D 284 52.52 -19.43 26.60
C ARG D 284 52.26 -17.93 26.71
N GLY D 285 51.45 -17.53 27.69
CA GLY D 285 51.07 -16.16 27.87
C GLY D 285 49.79 -15.76 27.14
N HIS D 286 49.23 -16.65 26.32
CA HIS D 286 47.98 -16.40 25.65
C HIS D 286 47.01 -17.57 25.72
N GLN D 287 47.42 -18.70 26.31
CA GLN D 287 46.50 -19.83 26.45
C GLN D 287 45.33 -19.48 27.36
N VAL D 288 45.60 -18.80 28.48
CA VAL D 288 44.52 -18.40 29.37
C VAL D 288 43.70 -17.29 28.72
N ALA D 289 42.50 -17.07 29.25
CA ALA D 289 41.57 -16.07 28.74
C ALA D 289 41.23 -16.30 27.27
N LEU D 290 41.32 -17.56 26.83
CA LEU D 290 40.97 -17.94 25.47
C LEU D 290 39.78 -18.89 25.43
N SER D 291 39.84 -19.99 26.18
CA SER D 291 38.72 -20.93 26.20
C SER D 291 37.55 -20.38 27.01
N SER D 292 37.83 -19.72 28.13
CA SER D 292 36.76 -19.13 28.94
C SER D 292 36.07 -18.00 28.19
N ILE D 293 36.83 -17.14 27.52
CA ILE D 293 36.24 -16.08 26.72
C ILE D 293 35.43 -16.68 25.58
N SER D 294 35.92 -17.77 24.99
CA SER D 294 35.16 -18.45 23.95
C SER D 294 33.84 -18.98 24.50
N TYR D 295 33.86 -19.56 25.70
CA TYR D 295 32.63 -20.07 26.31
C TYR D 295 31.64 -18.94 26.56
N VAL D 296 32.10 -17.83 27.11
CA VAL D 296 31.21 -16.70 27.42
C VAL D 296 30.62 -16.14 26.14
N GLY D 297 31.47 -15.93 25.12
CA GLY D 297 30.98 -15.41 23.86
C GLY D 297 29.99 -16.36 23.19
N CYS D 298 30.28 -17.66 23.25
CA CYS D 298 29.37 -18.64 22.65
C CYS D 298 28.02 -18.67 23.37
N SER D 299 28.04 -18.56 24.71
CA SER D 299 26.78 -18.53 25.44
C SER D 299 25.97 -17.30 25.08
N LEU D 300 26.61 -16.13 25.06
CA LEU D 300 25.90 -14.92 24.68
C LEU D 300 25.37 -15.01 23.26
N SER D 301 26.19 -15.52 22.33
CA SER D 301 25.79 -15.62 20.94
C SER D 301 24.64 -16.60 20.77
N VAL D 302 24.67 -17.73 21.47
CA VAL D 302 23.60 -18.72 21.33
C VAL D 302 22.30 -18.18 21.89
N LEU D 303 22.36 -17.47 23.03
CA LEU D 303 21.15 -16.88 23.58
C LEU D 303 20.58 -15.84 22.62
N CYS D 304 21.43 -14.93 22.13
CA CYS D 304 20.95 -13.88 21.25
C CYS D 304 20.43 -14.45 19.93
N LEU D 305 21.06 -15.51 19.42
CA LEU D 305 20.67 -16.05 18.14
C LEU D 305 19.39 -16.87 18.25
N VAL D 306 19.19 -17.59 19.37
CA VAL D 306 17.91 -18.25 19.56
C VAL D 306 16.80 -17.23 19.75
N ALA D 307 17.10 -16.09 20.39
CA ALA D 307 16.11 -15.03 20.47
C ALA D 307 15.78 -14.48 19.09
N THR D 308 16.80 -14.29 18.25
CA THR D 308 16.57 -13.80 16.89
C THR D 308 15.73 -14.79 16.09
N LEU D 309 16.03 -16.08 16.20
CA LEU D 309 15.29 -17.09 15.45
C LEU D 309 13.84 -17.15 15.91
N VAL D 310 13.59 -17.12 17.22
CA VAL D 310 12.20 -17.15 17.70
C VAL D 310 11.48 -15.87 17.31
N THR D 311 12.16 -14.73 17.30
CA THR D 311 11.53 -13.48 16.86
C THR D 311 11.14 -13.55 15.39
N PHE D 312 12.04 -14.08 14.55
CA PHE D 312 11.72 -14.24 13.13
C PHE D 312 10.56 -15.20 12.93
N ALA D 313 10.55 -16.31 13.66
CA ALA D 313 9.47 -17.29 13.53
C ALA D 313 8.13 -16.68 13.94
N VAL D 314 8.12 -15.92 15.03
CA VAL D 314 6.89 -15.25 15.47
C VAL D 314 6.47 -14.21 14.44
N LEU D 315 7.41 -13.41 13.98
CA LEU D 315 7.13 -12.31 13.04
C LEU D 315 7.35 -12.80 11.62
N SER D 316 6.39 -13.57 11.12
CA SER D 316 6.41 -14.05 9.74
C SER D 316 5.12 -13.82 8.98
N SER D 317 4.01 -13.55 9.66
CA SER D 317 2.74 -13.36 8.96
C SER D 317 2.65 -11.99 8.29
N VAL D 318 3.21 -10.96 8.91
CA VAL D 318 3.08 -9.61 8.38
C VAL D 318 3.95 -9.45 7.14
N SER D 319 3.65 -8.40 6.37
CA SER D 319 4.29 -8.20 5.08
C SER D 319 5.71 -7.65 5.20
N THR D 320 6.05 -7.01 6.32
CA THR D 320 7.37 -6.43 6.46
C THR D 320 8.45 -7.50 6.40
N ILE D 321 8.31 -8.55 7.21
CA ILE D 321 9.20 -9.72 7.11
C ILE D 321 8.55 -10.68 6.12
N ARG D 322 8.69 -10.35 4.84
CA ARG D 322 8.28 -11.25 3.78
C ARG D 322 9.21 -11.26 2.58
N ASN D 323 10.32 -10.51 2.63
CA ASN D 323 11.18 -10.36 1.47
C ASN D 323 12.25 -11.45 1.45
N GLN D 324 13.07 -11.44 0.40
CA GLN D 324 14.14 -12.43 0.28
C GLN D 324 15.21 -12.21 1.34
N ARG D 325 15.50 -10.95 1.67
CA ARG D 325 16.61 -10.65 2.57
C ARG D 325 16.41 -11.28 3.94
N TYR D 326 15.17 -11.23 4.45
CA TYR D 326 14.91 -11.79 5.77
C TYR D 326 15.06 -13.31 5.79
N HIS D 327 14.73 -13.98 4.68
CA HIS D 327 15.00 -15.41 4.59
C HIS D 327 16.49 -15.69 4.66
N ILE D 328 17.29 -14.87 3.98
CA ILE D 328 18.74 -15.01 4.06
C ILE D 328 19.21 -14.82 5.49
N HIS D 329 18.69 -13.80 6.17
CA HIS D 329 19.07 -13.57 7.57
C HIS D 329 18.70 -14.77 8.44
N ALA D 330 17.51 -15.32 8.24
CA ALA D 330 17.05 -16.43 9.06
C ALA D 330 17.92 -17.67 8.86
N ASN D 331 18.15 -18.04 7.60
CA ASN D 331 18.94 -19.25 7.36
C ASN D 331 20.40 -19.05 7.77
N LEU D 332 20.94 -17.85 7.58
CA LEU D 332 22.30 -17.56 8.03
C LEU D 332 22.40 -17.67 9.55
N SER D 333 21.42 -17.12 10.27
CA SER D 333 21.43 -17.22 11.72
C SER D 333 21.31 -18.67 12.17
N PHE D 334 20.46 -19.45 11.50
CA PHE D 334 20.32 -20.86 11.85
C PHE D 334 21.63 -21.61 11.63
N ALA D 335 22.29 -21.36 10.50
CA ALA D 335 23.56 -22.03 10.23
C ALA D 335 24.62 -21.64 11.24
N VAL D 336 24.72 -20.35 11.58
CA VAL D 336 25.69 -19.91 12.56
C VAL D 336 25.40 -20.53 13.93
N LEU D 337 24.12 -20.57 14.31
CA LEU D 337 23.74 -21.15 15.59
C LEU D 337 24.11 -22.62 15.68
N VAL D 338 23.78 -23.39 14.64
CA VAL D 338 24.05 -24.82 14.68
C VAL D 338 25.56 -25.07 14.63
N ALA D 339 26.30 -24.28 13.86
CA ALA D 339 27.74 -24.43 13.83
C ALA D 339 28.36 -24.12 15.18
N GLN D 340 27.89 -23.07 15.85
CA GLN D 340 28.42 -22.71 17.16
C GLN D 340 28.11 -23.79 18.20
N VAL D 341 26.89 -24.33 18.18
CA VAL D 341 26.54 -25.39 19.12
C VAL D 341 27.37 -26.63 18.85
N LEU D 342 27.58 -26.97 17.58
CA LEU D 342 28.40 -28.13 17.24
C LEU D 342 29.84 -27.94 17.71
N LEU D 343 30.38 -26.73 17.55
CA LEU D 343 31.72 -26.45 18.03
C LEU D 343 31.80 -26.57 19.55
N LEU D 344 30.79 -26.05 20.25
CA LEU D 344 30.77 -26.14 21.71
C LEU D 344 30.75 -27.58 22.17
N ILE D 345 29.96 -28.43 21.49
CA ILE D 345 29.97 -29.85 21.81
C ILE D 345 31.32 -30.47 21.45
N SER D 346 31.92 -30.03 20.34
CA SER D 346 33.20 -30.57 19.92
C SER D 346 34.31 -30.28 20.91
N PHE D 347 34.18 -29.19 21.67
CA PHE D 347 35.19 -28.90 22.69
C PHE D 347 35.26 -30.02 23.72
N ARG D 348 34.11 -30.55 24.13
CA ARG D 348 34.05 -31.63 25.11
C ARG D 348 33.77 -32.94 24.38
N LEU D 349 34.83 -33.55 23.85
CA LEU D 349 34.73 -34.85 23.21
C LEU D 349 36.12 -35.44 23.10
N GLU D 350 36.25 -36.71 23.47
CA GLU D 350 37.56 -37.35 23.46
C GLU D 350 38.05 -37.54 22.03
N PRO D 351 39.35 -37.44 21.78
CA PRO D 351 39.88 -37.66 20.44
C PRO D 351 40.04 -39.14 20.13
N GLY D 352 40.19 -39.44 18.85
CA GLY D 352 40.35 -40.81 18.40
C GLY D 352 39.14 -41.68 18.64
N THR D 353 37.94 -41.15 18.43
CA THR D 353 36.71 -41.88 18.64
C THR D 353 35.75 -41.53 17.51
N THR D 354 35.03 -42.53 16.99
CA THR D 354 34.30 -42.44 15.73
C THR D 354 33.36 -41.24 15.63
N PRO D 355 32.53 -40.95 16.64
CA PRO D 355 31.65 -39.77 16.52
C PRO D 355 32.40 -38.47 16.28
N CYS D 356 33.63 -38.34 16.79
CA CYS D 356 34.42 -37.15 16.53
C CYS D 356 34.65 -36.94 15.04
N GLN D 357 35.11 -37.99 14.35
CA GLN D 357 35.35 -37.88 12.91
C GLN D 357 34.03 -37.77 12.15
N VAL D 358 32.95 -38.32 12.74
CA VAL D 358 31.64 -38.17 12.11
C VAL D 358 31.20 -36.70 12.10
N MET D 359 31.39 -36.00 13.22
CA MET D 359 30.90 -34.63 13.33
C MET D 359 31.90 -33.58 12.87
N ALA D 360 33.16 -33.95 12.63
CA ALA D 360 34.11 -32.99 12.07
C ALA D 360 33.66 -32.50 10.70
N VAL D 361 33.20 -33.42 9.85
CA VAL D 361 32.73 -33.03 8.54
C VAL D 361 31.48 -32.15 8.65
N LEU D 362 30.63 -32.42 9.64
CA LEU D 362 29.46 -31.57 9.87
C LEU D 362 29.88 -30.15 10.27
N LEU D 363 30.89 -30.06 11.15
CA LEU D 363 31.43 -28.76 11.57
C LEU D 363 31.92 -27.97 10.36
N HIS D 364 32.75 -28.61 9.54
CA HIS D 364 33.29 -27.94 8.37
C HIS D 364 32.18 -27.53 7.39
N TYR D 365 31.21 -28.43 7.19
CA TYR D 365 30.10 -28.13 6.29
C TYR D 365 29.30 -26.93 6.76
N PHE D 366 29.03 -26.87 8.07
CA PHE D 366 28.24 -25.75 8.60
C PHE D 366 29.02 -24.44 8.49
N PHE D 367 30.31 -24.46 8.79
CA PHE D 367 31.10 -23.23 8.67
C PHE D 367 31.16 -22.76 7.22
N LEU D 368 31.37 -23.69 6.28
CA LEU D 368 31.39 -23.32 4.88
C LEU D 368 30.03 -22.83 4.40
N SER D 369 28.94 -23.40 4.94
CA SER D 369 27.60 -22.91 4.62
C SER D 369 27.42 -21.47 5.09
N ALA D 370 27.90 -21.16 6.29
CA ALA D 370 27.82 -19.78 6.77
C ALA D 370 28.63 -18.84 5.88
N PHE D 371 29.82 -19.28 5.46
CA PHE D 371 30.65 -18.44 4.60
C PHE D 371 29.96 -18.18 3.26
N ALA D 372 29.43 -19.24 2.65
CA ALA D 372 28.70 -19.08 1.39
C ALA D 372 27.46 -18.22 1.57
N TRP D 373 26.81 -18.30 2.74
CA TRP D 373 25.62 -17.50 2.96
C TRP D 373 25.95 -16.01 3.06
N MET D 374 27.01 -15.64 3.78
CA MET D 374 27.33 -14.21 3.76
C MET D 374 27.91 -13.77 2.42
N LEU D 375 28.53 -14.67 1.66
CA LEU D 375 28.90 -14.32 0.29
C LEU D 375 27.67 -14.02 -0.55
N VAL D 376 26.62 -14.83 -0.42
CA VAL D 376 25.38 -14.60 -1.15
C VAL D 376 24.73 -13.30 -0.70
N GLU D 377 24.80 -13.00 0.60
CA GLU D 377 24.27 -11.74 1.11
C GLU D 377 25.02 -10.55 0.52
N GLY D 378 26.34 -10.65 0.42
CA GLY D 378 27.11 -9.59 -0.21
C GLY D 378 26.76 -9.41 -1.68
N LEU D 379 26.57 -10.53 -2.40
CA LEU D 379 26.16 -10.44 -3.79
C LEU D 379 24.79 -9.78 -3.93
N HIS D 380 23.86 -10.13 -3.03
CA HIS D 380 22.54 -9.51 -3.05
C HIS D 380 22.64 -8.01 -2.78
N LEU D 381 23.49 -7.62 -1.83
CA LEU D 381 23.67 -6.20 -1.55
C LEU D 381 24.25 -5.48 -2.76
N TYR D 382 25.22 -6.10 -3.45
CA TYR D 382 25.77 -5.50 -4.65
C TYR D 382 24.72 -5.33 -5.73
N SER D 383 23.88 -6.36 -5.92
CA SER D 383 22.81 -6.26 -6.91
C SER D 383 21.74 -5.26 -6.49
N MET D 384 21.59 -5.00 -5.20
CA MET D 384 20.60 -4.06 -4.70
C MET D 384 21.06 -2.62 -4.75
N VAL D 385 22.35 -2.35 -4.59
CA VAL D 385 22.84 -0.98 -4.50
C VAL D 385 23.16 -0.42 -5.87
N ILE D 386 24.13 -1.02 -6.56
CA ILE D 386 24.58 -0.47 -7.84
C ILE D 386 23.69 -0.89 -9.00
N LYS D 387 22.90 -1.96 -8.84
CA LYS D 387 22.06 -2.47 -9.90
C LYS D 387 20.59 -2.44 -9.49
N VAL D 388 20.14 -1.30 -8.97
CA VAL D 388 18.79 -1.15 -8.43
C VAL D 388 17.74 -1.66 -9.39
N PHE D 389 17.96 -1.50 -10.70
CA PHE D 389 17.01 -1.97 -11.70
C PHE D 389 17.15 -3.47 -11.85
N GLY D 390 16.15 -4.21 -11.39
CA GLY D 390 16.17 -5.66 -11.43
C GLY D 390 16.35 -6.34 -10.09
N SER D 391 16.31 -5.60 -8.98
CA SER D 391 16.48 -6.22 -7.67
C SER D 391 15.35 -7.19 -7.36
N GLU D 392 14.11 -6.82 -7.69
CA GLU D 392 12.95 -7.67 -7.42
C GLU D 392 12.80 -8.64 -8.59
N ASP D 393 13.46 -9.79 -8.48
CA ASP D 393 13.44 -10.79 -9.53
C ASP D 393 12.96 -12.16 -9.04
N SER D 394 12.70 -12.32 -7.75
CA SER D 394 12.26 -13.59 -7.16
C SER D 394 13.25 -14.71 -7.49
N LYS D 395 14.47 -14.55 -6.98
CA LYS D 395 15.56 -15.49 -7.21
C LYS D 395 15.75 -16.43 -6.03
N HIS D 396 14.65 -16.85 -5.41
CA HIS D 396 14.73 -17.72 -4.24
C HIS D 396 15.42 -19.04 -4.57
N ARG D 397 15.09 -19.64 -5.71
CA ARG D 397 15.68 -20.93 -6.07
C ARG D 397 17.18 -20.83 -6.25
N TYR D 398 17.65 -19.78 -6.94
CA TYR D 398 19.07 -19.63 -7.18
C TYR D 398 19.83 -19.37 -5.88
N TYR D 399 19.26 -18.54 -5.00
CA TYR D 399 19.93 -18.25 -3.73
C TYR D 399 20.09 -19.51 -2.89
N TYR D 400 19.01 -20.28 -2.73
CA TYR D 400 19.09 -21.51 -1.96
C TYR D 400 20.04 -22.51 -2.61
N GLY D 401 19.99 -22.62 -3.94
CA GLY D 401 20.88 -23.55 -4.62
C GLY D 401 22.34 -23.20 -4.42
N MET D 402 22.70 -21.93 -4.61
CA MET D 402 24.08 -21.52 -4.45
C MET D 402 24.52 -21.41 -3.00
N GLY D 403 23.57 -21.43 -2.06
CA GLY D 403 23.93 -21.42 -0.65
C GLY D 403 24.06 -22.81 -0.05
N TRP D 404 23.35 -23.78 -0.61
CA TRP D 404 23.34 -25.13 -0.05
C TRP D 404 23.89 -26.19 -1.01
N GLY D 405 24.46 -25.79 -2.15
CA GLY D 405 25.09 -26.77 -3.02
C GLY D 405 26.59 -26.65 -3.06
N PHE D 406 27.09 -25.41 -2.97
CA PHE D 406 28.54 -25.21 -2.90
C PHE D 406 29.17 -25.89 -1.69
N PRO D 407 28.65 -25.75 -0.46
CA PRO D 407 29.21 -26.53 0.65
C PRO D 407 29.13 -28.03 0.43
N LEU D 408 28.05 -28.52 -0.17
CA LEU D 408 27.94 -29.95 -0.43
C LEU D 408 28.97 -30.41 -1.45
N LEU D 409 29.16 -29.63 -2.52
CA LEU D 409 30.17 -29.98 -3.52
C LEU D 409 31.57 -29.96 -2.93
N ILE D 410 31.87 -28.96 -2.10
CA ILE D 410 33.18 -28.91 -1.46
C ILE D 410 33.36 -30.11 -0.52
N CYS D 411 32.31 -30.45 0.22
CA CYS D 411 32.41 -31.59 1.13
C CYS D 411 32.65 -32.89 0.39
N ILE D 412 31.94 -33.12 -0.72
CA ILE D 412 32.11 -34.38 -1.44
C ILE D 412 33.48 -34.43 -2.11
N ILE D 413 33.94 -33.31 -2.68
CA ILE D 413 35.25 -33.33 -3.31
C ILE D 413 36.34 -33.49 -2.27
N SER D 414 36.12 -33.01 -1.03
CA SER D 414 37.09 -33.22 0.03
C SER D 414 37.10 -34.68 0.50
N LEU D 415 35.90 -35.26 0.70
CA LEU D 415 35.82 -36.64 1.16
C LEU D 415 36.24 -37.63 0.08
N SER D 416 36.31 -37.18 -1.17
CA SER D 416 36.81 -38.06 -2.23
C SER D 416 38.28 -38.45 -1.98
N PHE D 417 39.09 -37.51 -1.51
CA PHE D 417 40.50 -37.74 -1.29
C PHE D 417 40.94 -37.54 0.15
N ALA D 418 40.40 -36.55 0.85
CA ALA D 418 40.83 -36.22 2.20
C ALA D 418 39.97 -36.97 3.21
N MET D 419 40.44 -38.14 3.62
CA MET D 419 39.79 -38.94 4.66
C MET D 419 40.65 -39.07 5.91
N ASP D 420 41.93 -39.45 5.74
CA ASP D 420 42.82 -39.58 6.90
C ASP D 420 43.09 -38.23 7.55
N SER D 421 43.02 -37.15 6.77
CA SER D 421 43.27 -35.80 7.30
C SER D 421 41.98 -35.15 7.78
N TYR D 422 41.24 -35.84 8.65
CA TYR D 422 40.03 -35.27 9.21
C TYR D 422 39.92 -35.51 10.71
N GLY D 423 40.96 -36.02 11.35
CA GLY D 423 40.98 -36.18 12.80
C GLY D 423 42.39 -36.24 13.33
N THR D 424 42.70 -35.40 14.32
CA THR D 424 44.04 -35.30 14.87
C THR D 424 44.04 -35.79 16.32
N SER D 425 45.20 -35.70 16.95
CA SER D 425 45.37 -36.16 18.32
C SER D 425 45.04 -35.08 19.35
N ASN D 426 45.19 -33.81 18.98
CA ASN D 426 44.97 -32.72 19.93
C ASN D 426 43.48 -32.57 20.27
N ASN D 427 42.67 -32.26 19.26
CA ASN D 427 41.24 -32.05 19.46
C ASN D 427 40.47 -32.70 18.31
N CYS D 428 39.17 -32.42 18.25
CA CYS D 428 38.30 -33.04 17.26
C CYS D 428 38.41 -32.41 15.88
N TRP D 429 39.04 -31.24 15.77
CA TRP D 429 39.15 -30.58 14.49
C TRP D 429 40.14 -31.32 13.58
N LEU D 430 40.11 -30.96 12.30
CA LEU D 430 40.98 -31.60 11.32
C LEU D 430 42.43 -31.14 11.52
N SER D 431 43.36 -31.96 11.03
CA SER D 431 44.77 -31.61 11.10
C SER D 431 45.05 -30.46 10.14
N LEU D 432 45.80 -29.47 10.63
CA LEU D 432 46.18 -28.31 9.83
C LEU D 432 47.60 -28.40 9.29
N ALA D 433 48.26 -29.55 9.48
CA ALA D 433 49.63 -29.76 9.01
C ALA D 433 49.70 -30.90 7.99
N SER D 434 48.69 -31.01 7.14
CA SER D 434 48.65 -32.05 6.12
C SER D 434 48.25 -31.55 4.74
N GLY D 435 47.95 -30.26 4.58
CA GLY D 435 47.53 -29.73 3.30
C GLY D 435 46.06 -29.84 3.00
N ALA D 436 45.25 -30.34 3.94
CA ALA D 436 43.82 -30.48 3.75
C ALA D 436 43.04 -29.23 4.14
N ILE D 437 43.73 -28.15 4.52
CA ILE D 437 43.08 -26.92 4.93
C ILE D 437 42.64 -26.12 3.70
N TRP D 438 42.95 -26.66 2.51
CA TRP D 438 42.63 -25.97 1.26
C TRP D 438 41.15 -25.66 1.13
N ALA D 439 40.29 -26.48 1.73
CA ALA D 439 38.86 -26.32 1.57
C ALA D 439 38.30 -25.14 2.36
N PHE D 440 39.09 -24.51 3.22
CA PHE D 440 38.60 -23.43 4.07
C PHE D 440 39.28 -22.11 3.79
N VAL D 441 40.61 -22.08 3.76
CA VAL D 441 41.34 -20.81 3.65
C VAL D 441 41.11 -20.17 2.29
N ALA D 442 41.06 -20.96 1.23
CA ALA D 442 40.80 -20.39 -0.10
C ALA D 442 39.41 -19.79 -0.21
N PRO D 443 38.31 -20.47 0.18
CA PRO D 443 37.01 -19.79 0.20
C PRO D 443 37.00 -18.58 1.13
N ALA D 444 37.71 -18.64 2.25
CA ALA D 444 37.79 -17.50 3.15
C ALA D 444 38.41 -16.30 2.44
N LEU D 445 39.52 -16.52 1.74
CA LEU D 445 40.18 -15.43 1.02
C LEU D 445 39.31 -14.89 -0.10
N PHE D 446 38.63 -15.77 -0.83
CA PHE D 446 37.73 -15.32 -1.89
C PHE D 446 36.61 -14.44 -1.32
N VAL D 447 35.98 -14.90 -0.25
CA VAL D 447 34.90 -14.14 0.37
C VAL D 447 35.41 -12.82 0.90
N ILE D 448 36.59 -12.81 1.52
CA ILE D 448 37.14 -11.59 2.11
C ILE D 448 37.48 -10.58 1.02
N VAL D 449 38.06 -11.04 -0.10
CA VAL D 449 38.40 -10.12 -1.18
C VAL D 449 37.13 -9.52 -1.79
N VAL D 450 36.13 -10.37 -2.05
CA VAL D 450 34.87 -9.85 -2.59
C VAL D 450 34.23 -8.87 -1.61
N ASN D 451 34.31 -9.17 -0.31
CA ASN D 451 33.76 -8.29 0.71
C ASN D 451 34.48 -6.95 0.74
N ILE D 452 35.81 -6.97 0.61
CA ILE D 452 36.56 -5.72 0.61
C ILE D 452 36.16 -4.88 -0.60
N GLY D 453 36.04 -5.51 -1.77
CA GLY D 453 35.63 -4.77 -2.95
C GLY D 453 34.24 -4.17 -2.80
N ILE D 454 33.28 -4.98 -2.33
CA ILE D 454 31.91 -4.52 -2.19
C ILE D 454 31.83 -3.40 -1.15
N LEU D 455 32.54 -3.56 -0.03
CA LEU D 455 32.53 -2.55 1.02
C LEU D 455 33.16 -1.25 0.54
N ILE D 456 34.24 -1.33 -0.24
CA ILE D 456 34.87 -0.13 -0.78
C ILE D 456 33.90 0.58 -1.72
N ALA D 457 33.23 -0.16 -2.59
CA ALA D 457 32.27 0.46 -3.50
C ALA D 457 31.11 1.11 -2.74
N VAL D 458 30.58 0.40 -1.74
CA VAL D 458 29.43 0.93 -1.00
C VAL D 458 29.85 2.15 -0.18
N THR D 459 31.04 2.11 0.41
CA THR D 459 31.53 3.26 1.17
C THR D 459 31.76 4.46 0.26
N ARG D 460 32.27 4.23 -0.96
CA ARG D 460 32.43 5.33 -1.90
C ARG D 460 31.09 5.92 -2.28
N VAL D 461 30.08 5.06 -2.52
CA VAL D 461 28.75 5.55 -2.85
C VAL D 461 28.17 6.36 -1.70
N ILE D 462 28.32 5.87 -0.47
CA ILE D 462 27.79 6.56 0.70
C ILE D 462 28.50 7.90 0.90
N SER D 463 29.82 7.93 0.70
CA SER D 463 30.55 9.19 0.83
C SER D 463 30.13 10.19 -0.24
N GLN D 464 29.89 9.71 -1.47
CA GLN D 464 29.42 10.60 -2.52
C GLN D 464 28.04 11.16 -2.17
N ILE D 465 27.15 10.32 -1.65
CA ILE D 465 25.82 10.78 -1.26
C ILE D 465 25.92 11.81 -0.13
N SER D 466 26.74 11.52 0.88
CA SER D 466 26.89 12.39 2.04
C SER D 466 27.75 13.61 1.76
N ALA D 467 28.44 13.66 0.62
CA ALA D 467 29.18 14.86 0.27
C ALA D 467 28.28 15.99 -0.20
N ASP D 468 27.00 15.72 -0.45
CA ASP D 468 26.07 16.74 -0.91
C ASP D 468 25.26 17.28 0.27
N ASN D 469 25.97 17.95 1.18
CA ASN D 469 25.35 18.61 2.32
C ASN D 469 26.30 19.64 2.93
N SER D 477 28.93 15.76 11.17
CA SER D 477 28.18 14.61 10.70
C SER D 477 28.87 13.93 9.52
N ALA D 478 30.12 14.36 9.26
CA ALA D 478 30.87 13.79 8.14
C ALA D 478 31.27 12.35 8.41
N PHE D 479 31.80 12.08 9.60
CA PHE D 479 32.32 10.76 9.95
C PHE D 479 31.39 10.02 10.91
N LYS D 480 30.08 10.19 10.74
CA LYS D 480 29.10 9.51 11.58
C LYS D 480 28.34 8.43 10.81
N LEU D 481 27.72 8.78 9.68
CA LEU D 481 26.98 7.80 8.90
C LEU D 481 27.91 6.76 8.29
N THR D 482 29.12 7.16 7.88
CA THR D 482 30.07 6.20 7.35
C THR D 482 30.48 5.17 8.40
N ALA D 483 30.76 5.65 9.62
CA ALA D 483 31.10 4.74 10.70
C ALA D 483 29.92 3.83 11.04
N LYS D 484 28.71 4.37 11.04
CA LYS D 484 27.53 3.55 11.30
C LYS D 484 27.38 2.47 10.24
N ALA D 485 27.58 2.82 8.97
CA ALA D 485 27.47 1.84 7.90
C ALA D 485 28.53 0.75 8.03
N VAL D 486 29.77 1.15 8.35
CA VAL D 486 30.84 0.16 8.49
C VAL D 486 30.54 -0.79 9.65
N ALA D 487 30.10 -0.24 10.78
CA ALA D 487 29.77 -1.08 11.93
C ALA D 487 28.60 -2.01 11.63
N VAL D 488 27.59 -1.51 10.92
CA VAL D 488 26.42 -2.33 10.60
C VAL D 488 26.82 -3.47 9.67
N LEU D 489 27.64 -3.18 8.65
CA LEU D 489 28.01 -4.20 7.68
C LEU D 489 29.15 -5.09 8.16
N LEU D 490 29.78 -4.77 9.29
CA LEU D 490 30.87 -5.61 9.79
C LEU D 490 30.40 -7.01 10.17
N PRO D 491 29.55 -7.21 11.19
CA PRO D 491 29.32 -8.57 11.68
C PRO D 491 28.41 -9.46 10.85
N ILE D 492 27.29 -8.92 10.32
CA ILE D 492 26.34 -9.78 9.61
C ILE D 492 26.87 -10.22 8.25
N LEU D 493 27.91 -9.56 7.74
CA LEU D 493 28.42 -9.90 6.41
C LEU D 493 29.78 -10.57 6.47
N GLY D 494 30.55 -10.33 7.52
CA GLY D 494 31.77 -11.10 7.73
C GLY D 494 33.02 -10.55 7.10
N THR D 495 33.43 -9.35 7.52
CA THR D 495 34.70 -8.76 7.12
C THR D 495 35.74 -8.84 8.23
N SER D 496 35.46 -9.54 9.33
CA SER D 496 36.36 -9.63 10.46
C SER D 496 37.24 -10.87 10.43
N TRP D 497 37.16 -11.68 9.39
CA TRP D 497 37.95 -12.90 9.28
C TRP D 497 39.35 -12.65 8.73
N VAL D 498 39.67 -11.40 8.38
CA VAL D 498 40.99 -11.10 7.83
C VAL D 498 42.07 -11.33 8.89
N PHE D 499 41.76 -11.06 10.15
CA PHE D 499 42.74 -11.20 11.22
C PHE D 499 43.25 -12.63 11.37
N GLY D 500 42.51 -13.61 10.86
CA GLY D 500 42.97 -15.00 10.96
C GLY D 500 44.25 -15.23 10.20
N VAL D 501 44.40 -14.58 9.04
CA VAL D 501 45.63 -14.75 8.25
C VAL D 501 46.84 -14.25 9.02
N LEU D 502 46.72 -13.10 9.68
CA LEU D 502 47.81 -12.59 10.49
C LEU D 502 48.04 -13.48 11.72
N ALA D 503 46.96 -14.00 12.30
CA ALA D 503 47.09 -14.84 13.49
C ALA D 503 47.84 -16.13 13.18
N VAL D 504 47.53 -16.75 12.04
CA VAL D 504 48.19 -18.01 11.69
C VAL D 504 49.68 -17.80 11.45
N ASN D 505 50.04 -16.75 10.72
CA ASN D 505 51.42 -16.48 10.37
C ASN D 505 51.72 -15.01 10.55
N GLY D 506 52.74 -14.71 11.36
CA GLY D 506 53.25 -13.36 11.48
C GLY D 506 52.86 -12.62 12.74
N CYS D 507 53.77 -12.59 13.71
CA CYS D 507 53.63 -11.81 14.95
C CYS D 507 52.26 -12.01 15.60
N ALA D 508 52.02 -13.24 16.03
CA ALA D 508 50.76 -13.60 16.68
C ALA D 508 50.92 -13.48 18.20
N VAL D 509 51.10 -12.24 18.64
CA VAL D 509 51.24 -11.93 20.05
C VAL D 509 50.07 -11.12 20.57
N VAL D 510 49.65 -10.10 19.82
CA VAL D 510 48.55 -9.24 20.25
C VAL D 510 47.32 -9.37 19.36
N PHE D 511 47.42 -10.04 18.22
CA PHE D 511 46.34 -10.07 17.24
C PHE D 511 45.45 -11.30 17.37
N GLN D 512 45.44 -11.95 18.54
CA GLN D 512 44.51 -13.05 18.79
C GLN D 512 43.39 -12.67 19.75
N TYR D 513 43.64 -11.76 20.70
CA TYR D 513 42.57 -11.27 21.55
C TYR D 513 41.47 -10.62 20.72
N MET D 514 41.86 -9.75 19.78
CA MET D 514 40.88 -9.10 18.91
C MET D 514 40.17 -10.12 18.02
N PHE D 515 40.92 -11.11 17.52
CA PHE D 515 40.33 -12.16 16.70
C PHE D 515 39.21 -12.87 17.47
N ALA D 516 39.52 -13.34 18.68
CA ALA D 516 38.52 -14.05 19.47
C ALA D 516 37.34 -13.14 19.81
N THR D 517 37.63 -11.92 20.27
CA THR D 517 36.57 -11.03 20.73
C THR D 517 35.63 -10.65 19.59
N LEU D 518 36.17 -10.41 18.39
CA LEU D 518 35.36 -9.96 17.26
C LEU D 518 34.82 -11.11 16.43
N ASN D 519 35.22 -12.35 16.68
CA ASN D 519 34.66 -13.49 15.96
C ASN D 519 33.69 -14.31 16.78
N SER D 520 34.03 -14.66 18.02
CA SER D 520 33.14 -15.48 18.83
C SER D 520 31.83 -14.77 19.12
N LEU D 521 31.89 -13.47 19.42
CA LEU D 521 30.69 -12.71 19.73
C LEU D 521 30.03 -12.19 18.47
N GLN D 522 29.80 -13.08 17.49
CA GLN D 522 29.06 -12.69 16.30
C GLN D 522 27.56 -12.60 16.56
N GLY D 523 27.05 -13.51 17.40
CA GLY D 523 25.65 -13.53 17.76
C GLY D 523 25.22 -12.19 18.32
N LEU D 524 25.72 -11.84 19.51
CA LEU D 524 25.39 -10.57 20.15
C LEU D 524 25.35 -9.41 19.15
N PHE D 525 26.36 -9.33 18.29
CA PHE D 525 26.42 -8.23 17.32
C PHE D 525 25.24 -8.28 16.35
N ILE D 526 25.04 -9.42 15.69
CA ILE D 526 24.00 -9.48 14.67
C ILE D 526 22.62 -9.31 15.28
N PHE D 527 22.37 -9.99 16.41
CA PHE D 527 21.10 -9.84 17.12
C PHE D 527 20.86 -8.37 17.48
N LEU D 528 21.75 -7.79 18.28
CA LEU D 528 21.61 -6.40 18.68
C LEU D 528 21.29 -5.51 17.49
N PHE D 529 22.23 -5.44 16.53
CA PHE D 529 22.07 -4.50 15.43
C PHE D 529 20.80 -4.77 14.63
N HIS D 530 20.73 -5.92 13.95
CA HIS D 530 19.66 -6.17 13.00
C HIS D 530 18.45 -6.82 13.63
N CYS D 531 18.24 -6.65 14.93
CA CYS D 531 16.96 -6.98 15.54
C CYS D 531 16.46 -5.93 16.52
N LEU D 532 17.29 -4.99 16.96
CA LEU D 532 16.83 -3.90 17.81
C LEU D 532 17.02 -2.53 17.18
N LEU D 533 17.79 -2.42 16.09
CA LEU D 533 17.97 -1.14 15.42
C LEU D 533 17.28 -1.07 14.06
N ASN D 534 16.78 -2.19 13.55
CA ASN D 534 16.07 -2.19 12.28
C ASN D 534 14.70 -1.53 12.46
N SER D 535 14.43 -0.50 11.66
CA SER D 535 13.20 0.27 11.83
C SER D 535 11.96 -0.58 11.55
N GLU D 536 12.01 -1.42 10.51
CA GLU D 536 10.86 -2.21 10.15
C GLU D 536 10.54 -3.28 11.18
N VAL D 537 11.57 -3.84 11.83
CA VAL D 537 11.34 -4.90 12.82
C VAL D 537 10.54 -4.36 14.00
N ARG D 538 10.92 -3.17 14.50
CA ARG D 538 10.22 -2.61 15.64
C ARG D 538 8.76 -2.33 15.33
N ALA D 539 8.48 -1.78 14.15
CA ALA D 539 7.10 -1.48 13.77
C ALA D 539 6.27 -2.77 13.67
N ALA D 540 6.83 -3.81 13.07
CA ALA D 540 6.13 -5.08 12.96
C ALA D 540 5.87 -5.67 14.34
N PHE D 541 6.85 -5.60 15.24
CA PHE D 541 6.66 -6.14 16.58
C PHE D 541 5.59 -5.36 17.33
N LYS D 542 5.59 -4.04 17.19
CA LYS D 542 4.55 -3.24 17.84
C LYS D 542 3.17 -3.57 17.29
N HIS D 543 3.06 -3.74 15.97
CA HIS D 543 1.78 -4.10 15.37
C HIS D 543 1.30 -5.47 15.86
N LYS D 544 2.21 -6.44 15.93
CA LYS D 544 1.84 -7.76 16.42
C LYS D 544 1.43 -7.72 17.90
N THR D 545 2.13 -6.92 18.70
CA THR D 545 1.76 -6.76 20.10
C THR D 545 0.38 -6.13 20.23
N LYS D 546 0.09 -5.12 19.39
CA LYS D 546 -1.24 -4.51 19.40
C LYS D 546 -2.32 -5.52 19.02
N VAL D 547 -2.03 -6.34 18.00
CA VAL D 547 -3.00 -7.36 17.60
C VAL D 547 -3.23 -8.36 18.72
N TRP D 548 -2.16 -8.80 19.37
CA TRP D 548 -2.29 -9.77 20.46
C TRP D 548 -3.08 -9.18 21.63
N SER D 549 -2.81 -7.91 21.97
CA SER D 549 -3.51 -7.29 23.09
C SER D 549 -4.94 -6.91 22.74
N LEU D 550 -5.26 -6.80 21.45
CA LEU D 550 -6.65 -6.50 21.06
C LEU D 550 -7.59 -7.63 21.46
N THR D 551 -7.16 -8.88 21.27
CA THR D 551 -7.99 -10.02 21.61
C THR D 551 -7.59 -10.60 22.97
C1 DHT E . 39.19 -25.27 13.70
C2 DHT E . 38.98 -25.58 12.22
C3 DHT E . 37.70 -24.94 11.76
O3 DHT E . 36.80 -25.62 11.30
C4 DHT E . 37.46 -23.49 12.08
C5 DHT E . 37.71 -23.26 13.57
C6 DHT E . 37.55 -21.79 13.91
C7 DHT E . 37.75 -21.55 15.40
C8 DHT E . 39.11 -22.07 15.85
C9 DHT E . 39.29 -23.54 15.48
C10 DHT E . 39.09 -23.78 13.99
C11 DHT E . 40.65 -24.07 15.96
C12 DHT E . 40.91 -23.80 17.44
C13 DHT E . 40.71 -22.33 17.73
C14 DHT E . 39.30 -21.95 17.35
C15 DHT E . 39.07 -20.59 17.99
C16 DHT E . 39.86 -20.69 19.30
C17 DHT E . 40.79 -21.91 19.18
O17 DHT E . 42.14 -21.55 19.52
C18 DHT E . 41.72 -21.49 16.94
C19 DHT E . 40.17 -23.05 13.21
#